data_5WDJ
#
_entry.id   5WDJ
#
_cell.length_a   103.925
_cell.length_b   103.925
_cell.length_c   242.276
_cell.angle_alpha   90.000
_cell.angle_beta   90.000
_cell.angle_gamma   90.000
#
_symmetry.space_group_name_H-M   'P 43 21 2'
#
loop_
_entity.id
_entity.type
_entity.pdbx_description
1 polymer Myeloperoxidase
2 polymer Myeloperoxidase
3 branched alpha-D-mannopyranose-(1-3)-beta-D-mannopyranose-(1-4)-2-acetamido-2-deoxy-beta-D-glucopyranose
4 branched beta-D-mannopyranose-(1-4)-2-acetamido-2-deoxy-beta-D-glucopyranose-(1-4)-2-acetamido-2-deoxy-beta-D-glucopyranose
5 non-polymer 7-(benzyloxy)-1H-[1,2,3]triazolo[4,5-d]pyrimidin-5-amine
6 non-polymer 'CHLORIDE ION'
7 non-polymer 'PROTOPORPHYRIN IX CONTAINING FE'
8 non-polymer 'CALCIUM ION'
9 non-polymer 2-acetamido-2-deoxy-beta-D-glucopyranose
10 non-polymer alpha-L-fucopyranose
11 non-polymer alpha-D-mannopyranose
12 water water
#
loop_
_entity_poly.entity_id
_entity_poly.type
_entity_poly.pdbx_seq_one_letter_code
_entity_poly.pdbx_strand_id
1 'polypeptide(L)'
;CPEQDKYRTITGMCNNRRSPTLGASNRAFVRWLPAEYEDGFSLPYGWTPGVKRNGFPVALARAVSNEIVRFPTDQLTPDQ
ERSLMFMQWGQLLDHDLDFTPEPAA
;
A,D
2 'polypeptide(L)'
;AVNCETSCVQQPPCFPLKIPPNDPRIKNQADCIPFFRS(CSO)PACPGSNITIRNQINALTSFVDASMVYGSEEPLARNL
RNMSNQLGLLAVNQRFQDNGRALLPFDNLHDDPCLLTNRSARIPCFLAGDTRSSEMPELTSMHTLLLREHNRLATELKSL
NPRWDGERLYQEARKIVGAMVQIITYRDYLPLVLGPTAMRKYLPTYRSYNDSVDPRIANVFTNAFRYGHTLIQPFMFRLD
NRYQPMEPNPRVPLSRVFFASWRVVLEGGIDPILRGLMATPAKLNRQNQIAVDEIRERLFEQVMRIGLDLPALNMQRSRD
HGLPGYNAWRRFCGLPQPETVGQLGTVLRNLKLARKLMEQYGTPNNIDIWMGGVSEPLKRKGRVGPLLACIIGTQFRKLR
DGDRFWWENEGVFSMQQRQALAQISLPRIICDNTGITTVSKNNIFMSNSYPRDFVNCSTLPALNLASWREA
;
B,E
#
loop_
_chem_comp.id
_chem_comp.type
_chem_comp.name
_chem_comp.formula
AEY non-polymer 7-(benzyloxy)-1H-[1,2,3]triazolo[4,5-d]pyrimidin-5-amine 'C11 H10 N6 O'
BMA D-saccharide, beta linking beta-D-mannopyranose 'C6 H12 O6'
CA non-polymer 'CALCIUM ION' 'Ca 2'
CL non-polymer 'CHLORIDE ION' 'Cl -1'
FUC L-saccharide, alpha linking alpha-L-fucopyranose 'C6 H12 O5'
HEM non-polymer 'PROTOPORPHYRIN IX CONTAINING FE' 'C34 H32 Fe N4 O4'
MAN D-saccharide, alpha linking alpha-D-mannopyranose 'C6 H12 O6'
NAG D-saccharide, beta linking 2-acetamido-2-deoxy-beta-D-glucopyranose 'C8 H15 N O6'
#
# COMPACT_ATOMS: atom_id res chain seq x y z
N CYS A 1 17.33 -15.33 -2.15
CA CYS A 1 18.37 -14.56 -2.89
C CYS A 1 19.76 -15.05 -2.56
N PRO A 2 20.62 -15.16 -3.58
CA PRO A 2 22.00 -15.54 -3.33
C PRO A 2 22.65 -14.53 -2.39
N GLU A 3 23.60 -15.00 -1.59
CA GLU A 3 24.32 -14.14 -0.66
C GLU A 3 25.08 -13.06 -1.42
N GLN A 4 25.55 -13.39 -2.62
CA GLN A 4 26.38 -12.49 -3.42
C GLN A 4 26.15 -12.68 -4.92
N ASP A 5 25.61 -11.66 -5.56
CA ASP A 5 25.41 -11.64 -7.01
C ASP A 5 26.36 -10.64 -7.66
N LYS A 6 26.22 -10.43 -8.96
CA LYS A 6 27.13 -9.56 -9.70
C LYS A 6 26.37 -8.68 -10.69
N TYR A 7 25.31 -9.25 -11.27
CA TYR A 7 24.52 -8.53 -12.24
C TYR A 7 23.06 -8.63 -11.87
N ARG A 8 22.24 -7.72 -12.41
CA ARG A 8 20.81 -7.78 -12.25
C ARG A 8 20.35 -9.16 -12.66
N THR A 9 19.30 -9.66 -12.00
CA THR A 9 18.54 -10.76 -12.55
C THR A 9 17.68 -10.16 -13.66
N ILE A 10 17.06 -11.00 -14.47
CA ILE A 10 16.21 -10.53 -15.56
C ILE A 10 14.88 -9.95 -15.04
N THR A 11 14.27 -10.66 -14.09
CA THR A 11 12.96 -10.29 -13.55
C THR A 11 13.01 -9.13 -12.57
N GLY A 12 14.20 -8.80 -12.08
CA GLY A 12 14.32 -7.79 -11.02
C GLY A 12 14.37 -8.41 -9.64
N MET A 13 13.91 -9.65 -9.51
CA MET A 13 14.00 -10.40 -8.27
C MET A 13 15.39 -10.19 -7.62
N CYS A 14 15.40 -9.88 -6.33
CA CYS A 14 16.63 -9.80 -5.54
C CYS A 14 17.37 -8.47 -5.57
N ASN A 15 16.88 -7.50 -6.34
CA ASN A 15 17.45 -6.17 -6.28
C ASN A 15 17.42 -5.66 -4.83
N ASN A 16 16.23 -5.68 -4.23
CA ASN A 16 16.05 -5.38 -2.82
C ASN A 16 16.06 -6.66 -1.99
N ARG A 17 17.07 -6.80 -1.13
CA ARG A 17 17.27 -8.04 -0.42
C ARG A 17 16.26 -8.33 0.68
N ARG A 18 15.81 -7.30 1.39
CA ARG A 18 14.83 -7.52 2.45
C ARG A 18 13.46 -7.88 1.88
N SER A 19 13.12 -7.26 0.76
CA SER A 19 11.84 -7.52 0.10
C SER A 19 12.05 -7.79 -1.39
N PRO A 20 12.46 -9.02 -1.72
CA PRO A 20 13.00 -9.47 -3.02
C PRO A 20 12.13 -9.21 -4.26
N THR A 21 10.82 -9.05 -4.12
CA THR A 21 9.99 -8.83 -5.32
C THR A 21 9.85 -7.36 -5.70
N LEU A 22 10.20 -6.45 -4.80
CA LEU A 22 10.06 -5.03 -5.10
C LEU A 22 10.82 -4.69 -6.37
N GLY A 23 10.09 -4.20 -7.37
CA GLY A 23 10.69 -3.83 -8.65
C GLY A 23 10.76 -5.01 -9.61
N ALA A 24 10.45 -6.20 -9.11
CA ALA A 24 10.42 -7.37 -9.96
C ALA A 24 9.19 -7.35 -10.85
N SER A 25 9.23 -8.12 -11.94
CA SER A 25 8.17 -8.11 -12.93
C SER A 25 6.97 -8.98 -12.54
N ASN A 26 5.82 -8.69 -13.13
CA ASN A 26 4.58 -9.43 -12.85
C ASN A 26 4.18 -9.40 -11.37
N ARG A 27 4.14 -8.18 -10.82
CA ARG A 27 3.67 -7.95 -9.47
C ARG A 27 2.69 -6.80 -9.52
N ALA A 28 1.93 -6.62 -8.44
CA ALA A 28 0.97 -5.55 -8.36
C ALA A 28 1.72 -4.22 -8.28
N PHE A 29 1.15 -3.18 -8.89
CA PHE A 29 1.65 -1.84 -8.70
C PHE A 29 1.56 -1.48 -7.20
N VAL A 30 2.36 -0.52 -6.76
CA VAL A 30 2.20 0.04 -5.43
C VAL A 30 1.19 1.17 -5.59
N ARG A 31 0.44 1.48 -4.52
CA ARG A 31 -0.45 2.63 -4.59
C ARG A 31 0.03 3.75 -3.70
N TRP A 32 -0.13 4.99 -4.17
CA TRP A 32 0.24 6.14 -3.35
C TRP A 32 -0.99 6.74 -2.67
N LEU A 33 -2.15 6.37 -3.20
CA LEU A 33 -3.43 6.79 -2.65
C LEU A 33 -4.37 5.60 -2.73
N PRO A 34 -5.33 5.51 -1.81
CA PRO A 34 -6.30 4.42 -1.87
C PRO A 34 -7.16 4.55 -3.14
N ALA A 35 -7.53 3.41 -3.72
CA ALA A 35 -8.31 3.39 -4.97
C ALA A 35 -9.73 3.90 -4.77
N GLU A 36 -10.30 4.45 -5.84
CA GLU A 36 -11.64 4.99 -5.78
C GLU A 36 -12.47 4.37 -6.88
N TYR A 37 -13.35 3.46 -6.47
CA TYR A 37 -14.19 2.74 -7.37
C TYR A 37 -15.65 3.03 -7.01
N GLU A 38 -16.51 2.95 -8.02
CA GLU A 38 -17.96 3.10 -7.85
C GLU A 38 -18.47 2.32 -6.65
N ASP A 39 -18.04 1.08 -6.49
CA ASP A 39 -18.48 0.26 -5.36
C ASP A 39 -17.39 0.20 -4.30
N GLY A 40 -16.41 1.09 -4.41
CA GLY A 40 -15.34 1.17 -3.42
C GLY A 40 -14.25 0.13 -3.53
N PHE A 41 -14.45 -0.90 -4.37
CA PHE A 41 -13.45 -1.97 -4.45
C PHE A 41 -13.17 -2.59 -5.81
N SER A 42 -13.96 -2.29 -6.84
CA SER A 42 -13.67 -2.89 -8.15
C SER A 42 -14.32 -2.25 -9.38
N LEU A 43 -15.55 -1.76 -9.25
CA LEU A 43 -16.24 -1.20 -10.40
C LEU A 43 -15.78 0.23 -10.66
N PRO A 44 -15.37 0.51 -11.91
CA PRO A 44 -14.84 1.82 -12.28
C PRO A 44 -15.94 2.87 -12.38
N TYR A 45 -15.61 4.12 -12.10
CA TYR A 45 -16.55 5.20 -12.31
C TYR A 45 -16.98 5.27 -13.77
N GLY A 46 -18.28 5.40 -13.98
CA GLY A 46 -18.86 5.40 -15.32
C GLY A 46 -19.52 4.06 -15.64
N TRP A 47 -19.34 3.08 -14.76
CA TRP A 47 -19.86 1.74 -14.98
C TRP A 47 -21.39 1.66 -14.93
N THR A 48 -21.99 2.15 -13.85
CA THR A 48 -23.43 2.11 -13.71
C THR A 48 -24.08 3.44 -14.10
N PRO A 49 -25.02 3.39 -15.05
CA PRO A 49 -25.75 4.58 -15.51
C PRO A 49 -26.40 5.32 -14.34
N GLY A 50 -26.23 6.64 -14.29
CA GLY A 50 -26.84 7.47 -13.27
C GLY A 50 -26.08 7.57 -11.96
N VAL A 51 -25.05 6.75 -11.78
CA VAL A 51 -24.28 6.76 -10.54
C VAL A 51 -23.18 7.84 -10.52
N LYS A 52 -23.41 8.86 -9.69
CA LYS A 52 -22.53 10.01 -9.60
C LYS A 52 -21.21 9.69 -8.90
N ARG A 53 -20.19 10.48 -9.23
CA ARG A 53 -18.94 10.46 -8.49
C ARG A 53 -18.87 11.70 -7.61
N ASN A 54 -18.93 11.52 -6.29
CA ASN A 54 -18.68 12.63 -5.38
C ASN A 54 -19.61 13.81 -5.66
N GLY A 55 -20.87 13.53 -6.01
CA GLY A 55 -21.88 14.57 -6.17
C GLY A 55 -22.14 15.08 -7.58
N PHE A 56 -21.45 14.50 -8.57
CA PHE A 56 -21.56 14.98 -9.95
C PHE A 56 -21.57 13.83 -10.94
N PRO A 57 -22.25 14.02 -12.07
CA PRO A 57 -22.30 12.97 -13.09
C PRO A 57 -20.89 12.70 -13.61
N VAL A 58 -20.57 11.44 -13.84
CA VAL A 58 -19.32 11.10 -14.48
C VAL A 58 -19.41 11.54 -15.94
N ALA A 59 -18.40 12.26 -16.42
CA ALA A 59 -18.33 12.67 -17.82
C ALA A 59 -17.76 11.55 -18.71
N LEU A 60 -18.38 11.35 -19.87
CA LEU A 60 -17.86 10.38 -20.83
C LEU A 60 -16.42 10.76 -21.23
N ALA A 61 -15.52 9.79 -21.21
CA ALA A 61 -14.13 10.02 -21.57
C ALA A 61 -14.04 10.64 -22.95
N ARG A 62 -14.79 10.07 -23.89
CA ARG A 62 -14.81 10.56 -25.25
C ARG A 62 -15.26 12.02 -25.31
N ALA A 63 -16.25 12.36 -24.49
CA ALA A 63 -16.80 13.72 -24.46
C ALA A 63 -15.79 14.75 -23.96
N VAL A 64 -15.09 14.44 -22.87
CA VAL A 64 -14.05 15.33 -22.37
C VAL A 64 -13.04 15.53 -23.49
N SER A 65 -12.62 14.42 -24.10
CA SER A 65 -11.74 14.47 -25.24
C SER A 65 -12.27 15.41 -26.33
N ASN A 66 -13.55 15.28 -26.68
CA ASN A 66 -14.13 16.14 -27.71
C ASN A 66 -14.06 17.60 -27.33
N GLU A 67 -14.38 17.91 -26.07
CA GLU A 67 -14.58 19.28 -25.62
C GLU A 67 -13.30 20.01 -25.19
N ILE A 68 -12.30 19.26 -24.74
CA ILE A 68 -11.10 19.90 -24.20
C ILE A 68 -9.82 19.59 -24.95
N VAL A 69 -9.73 18.38 -25.50
CA VAL A 69 -8.49 17.93 -26.12
C VAL A 69 -8.42 18.22 -27.61
N ARG A 70 -9.59 18.26 -28.26
CA ARG A 70 -9.67 18.44 -29.70
C ARG A 70 -9.21 19.83 -30.15
N PHE A 71 -8.39 19.87 -31.19
CA PHE A 71 -8.00 21.15 -31.80
C PHE A 71 -7.68 20.96 -33.28
N PRO A 72 -7.82 22.03 -34.07
CA PRO A 72 -7.50 21.97 -35.50
C PRO A 72 -6.03 21.64 -35.68
N THR A 73 -5.73 20.67 -36.55
CA THR A 73 -4.35 20.28 -36.73
C THR A 73 -3.46 21.39 -37.28
N ASP A 74 -4.05 22.35 -38.01
CA ASP A 74 -3.24 23.41 -38.60
C ASP A 74 -2.73 24.42 -37.59
N GLN A 75 -3.32 24.45 -36.39
CA GLN A 75 -2.88 25.31 -35.31
C GLN A 75 -1.64 24.76 -34.59
N LEU A 76 -1.29 23.52 -34.88
CA LEU A 76 -0.23 22.86 -34.14
C LEU A 76 0.97 23.79 -33.92
N THR A 77 1.54 23.74 -32.72
CA THR A 77 2.71 24.57 -32.42
C THR A 77 3.97 23.73 -32.26
N PRO A 78 4.96 23.96 -33.13
CA PRO A 78 6.26 23.34 -32.99
C PRO A 78 6.95 23.81 -31.72
N ASP A 79 7.54 22.90 -30.98
CA ASP A 79 8.31 23.28 -29.80
C ASP A 79 9.66 23.78 -30.26
N GLN A 80 9.98 25.04 -30.02
CA GLN A 80 11.26 25.59 -30.48
C GLN A 80 12.43 25.09 -29.63
N GLU A 81 12.14 24.33 -28.58
CA GLU A 81 13.20 23.91 -27.65
C GLU A 81 13.23 22.41 -27.40
N ARG A 82 12.45 21.66 -28.16
CA ARG A 82 12.44 20.21 -27.99
C ARG A 82 12.43 19.51 -29.34
N SER A 83 13.25 18.47 -29.47
CA SER A 83 13.20 17.67 -30.69
C SER A 83 12.17 16.56 -30.54
N LEU A 84 11.79 15.95 -31.66
CA LEU A 84 10.84 14.84 -31.61
C LEU A 84 11.50 13.71 -30.84
N MET A 85 12.82 13.63 -30.93
CA MET A 85 13.60 12.69 -30.14
C MET A 85 13.21 12.77 -28.65
N PHE A 86 12.90 13.98 -28.19
CA PHE A 86 12.46 14.18 -26.80
C PHE A 86 11.17 13.41 -26.52
N MET A 87 10.28 13.38 -27.52
CA MET A 87 9.07 12.57 -27.46
C MET A 87 9.45 11.08 -27.43
N GLN A 88 10.21 10.65 -28.43
CA GLN A 88 10.51 9.23 -28.58
C GLN A 88 11.24 8.56 -27.41
N TRP A 89 12.14 9.28 -26.75
CA TRP A 89 12.85 8.71 -25.62
C TRP A 89 11.90 8.46 -24.47
N GLY A 90 10.95 9.37 -24.29
CA GLY A 90 9.90 9.19 -23.30
C GLY A 90 9.17 7.87 -23.47
N GLN A 91 8.77 7.56 -24.71
CA GLN A 91 8.03 6.33 -24.97
C GLN A 91 8.92 5.11 -24.76
N LEU A 92 10.14 5.17 -25.28
CA LEU A 92 11.12 4.11 -25.03
C LEU A 92 11.32 3.89 -23.53
N LEU A 93 11.40 4.98 -22.76
CA LEU A 93 11.64 4.88 -21.33
C LEU A 93 10.42 4.29 -20.63
N ASP A 94 9.25 4.84 -20.93
CA ASP A 94 8.01 4.29 -20.45
C ASP A 94 8.05 2.77 -20.55
N HIS A 95 8.63 2.28 -21.65
CA HIS A 95 8.60 0.86 -21.94
C HIS A 95 9.70 0.06 -21.23
N ASP A 96 10.55 0.76 -20.49
CA ASP A 96 11.49 0.12 -19.58
C ASP A 96 10.82 -0.03 -18.21
N LEU A 97 9.79 0.79 -17.97
CA LEU A 97 9.25 0.98 -16.64
C LEU A 97 7.97 0.20 -16.35
N ASP A 98 6.95 0.35 -17.20
CA ASP A 98 5.71 -0.35 -16.99
C ASP A 98 5.02 -0.83 -18.26
N PHE A 99 4.44 -2.02 -18.16
CA PHE A 99 3.44 -2.49 -19.09
C PHE A 99 2.30 -3.16 -18.29
N THR A 100 1.07 -2.69 -18.53
CA THR A 100 -0.10 -3.19 -17.81
C THR A 100 -0.90 -4.21 -18.62
N PRO A 101 -0.78 -5.50 -18.28
CA PRO A 101 -1.46 -6.48 -19.13
C PRO A 101 -2.98 -6.39 -19.05
N GLU A 102 -3.65 -6.82 -20.10
CA GLU A 102 -5.09 -6.94 -20.11
C GLU A 102 -5.40 -8.27 -20.77
N PRO A 103 -6.67 -8.71 -20.69
CA PRO A 103 -7.01 -10.03 -21.24
C PRO A 103 -7.01 -10.03 -22.77
N ALA A 104 -6.67 -11.18 -23.36
CA ALA A 104 -6.69 -11.33 -24.81
C ALA A 104 -8.13 -11.46 -25.33
N VAL B 2 -17.82 -12.16 -23.65
CA VAL B 2 -17.99 -11.18 -24.77
C VAL B 2 -16.64 -10.78 -25.35
N ASN B 3 -16.64 -10.42 -26.63
CA ASN B 3 -15.45 -9.92 -27.28
C ASN B 3 -15.45 -8.39 -27.27
N CYS B 4 -14.52 -7.82 -26.51
CA CYS B 4 -14.42 -6.38 -26.33
C CYS B 4 -14.00 -5.70 -27.63
N GLU B 5 -13.43 -6.49 -28.52
CA GLU B 5 -12.93 -5.96 -29.78
C GLU B 5 -14.09 -5.58 -30.69
N THR B 6 -15.17 -6.36 -30.62
CA THR B 6 -16.31 -6.18 -31.54
C THR B 6 -17.62 -5.78 -30.87
N SER B 7 -17.80 -6.15 -29.61
CA SER B 7 -19.07 -5.91 -28.93
C SER B 7 -19.05 -4.56 -28.22
N CYS B 8 -20.22 -3.92 -28.11
CA CYS B 8 -20.32 -2.68 -27.33
C CYS B 8 -21.07 -2.96 -26.04
N VAL B 9 -21.28 -4.25 -25.75
CA VAL B 9 -21.91 -4.67 -24.53
C VAL B 9 -20.93 -4.55 -23.36
N GLN B 10 -21.38 -3.90 -22.29
CA GLN B 10 -20.57 -3.78 -21.09
C GLN B 10 -20.66 -5.04 -20.22
N GLN B 11 -19.67 -5.91 -20.36
CA GLN B 11 -19.63 -7.17 -19.64
C GLN B 11 -18.18 -7.54 -19.37
N PRO B 12 -17.84 -7.83 -18.11
CA PRO B 12 -16.45 -8.16 -17.79
C PRO B 12 -15.88 -9.07 -18.86
N PRO B 13 -14.66 -8.77 -19.36
CA PRO B 13 -13.83 -7.70 -18.87
C PRO B 13 -13.84 -6.45 -19.74
N CYS B 14 -14.92 -6.21 -20.48
CA CYS B 14 -14.99 -5.04 -21.33
C CYS B 14 -15.56 -3.85 -20.59
N PHE B 15 -14.95 -2.69 -20.80
CA PHE B 15 -15.42 -1.43 -20.26
C PHE B 15 -15.37 -0.39 -21.36
N PRO B 16 -16.26 -0.54 -22.36
CA PRO B 16 -16.25 0.26 -23.59
C PRO B 16 -16.61 1.72 -23.38
N LEU B 17 -15.94 2.61 -24.12
CA LEU B 17 -16.26 4.03 -24.04
C LEU B 17 -17.50 4.33 -24.85
N LYS B 18 -18.48 4.95 -24.21
CA LYS B 18 -19.69 5.36 -24.90
C LYS B 18 -19.43 6.63 -25.69
N ILE B 19 -20.32 6.90 -26.64
CA ILE B 19 -20.20 7.99 -27.58
C ILE B 19 -21.21 9.08 -27.26
N PRO B 20 -20.75 10.33 -27.13
CA PRO B 20 -21.67 11.41 -26.83
C PRO B 20 -22.45 11.79 -28.08
N PRO B 21 -23.53 12.58 -27.89
CA PRO B 21 -24.26 13.08 -29.05
C PRO B 21 -23.41 14.11 -29.79
N ASN B 22 -23.67 14.28 -31.09
CA ASN B 22 -22.92 15.25 -31.89
C ASN B 22 -21.40 15.01 -31.86
N ASP B 23 -20.98 13.76 -31.67
CA ASP B 23 -19.59 13.39 -31.82
C ASP B 23 -19.18 13.76 -33.26
N PRO B 24 -17.98 14.33 -33.40
CA PRO B 24 -17.55 14.74 -34.74
C PRO B 24 -17.23 13.57 -35.70
N ARG B 25 -16.94 12.39 -35.17
CA ARG B 25 -16.51 11.29 -36.02
C ARG B 25 -17.44 10.09 -35.98
N ILE B 26 -17.84 9.69 -34.79
CA ILE B 26 -18.69 8.51 -34.61
C ILE B 26 -20.14 8.95 -34.44
N LYS B 27 -20.90 8.90 -35.54
CA LYS B 27 -22.27 9.42 -35.54
C LYS B 27 -23.25 8.42 -34.95
N ASN B 28 -22.87 7.16 -34.88
CA ASN B 28 -23.74 6.13 -34.34
C ASN B 28 -23.57 5.97 -32.84
N GLN B 29 -24.59 6.36 -32.08
CA GLN B 29 -24.51 6.27 -30.63
C GLN B 29 -24.66 4.84 -30.12
N ALA B 30 -24.99 3.92 -31.01
CA ALA B 30 -25.03 2.52 -30.65
C ALA B 30 -23.60 1.97 -30.65
N ASP B 31 -22.66 2.81 -31.08
CA ASP B 31 -21.28 2.38 -31.24
C ASP B 31 -20.48 2.72 -29.99
N CYS B 32 -19.21 2.33 -29.97
CA CYS B 32 -18.37 2.57 -28.82
C CYS B 32 -16.93 2.42 -29.23
N ILE B 33 -16.05 2.86 -28.35
CA ILE B 33 -14.63 2.66 -28.52
C ILE B 33 -14.23 1.50 -27.63
N PRO B 34 -13.64 0.46 -28.23
CA PRO B 34 -13.26 -0.79 -27.57
C PRO B 34 -12.31 -0.56 -26.41
N PHE B 35 -12.49 -1.32 -25.33
CA PHE B 35 -11.68 -1.16 -24.12
C PHE B 35 -11.76 -2.42 -23.25
N PHE B 36 -10.60 -3.02 -22.98
CA PHE B 36 -10.47 -4.14 -22.05
C PHE B 36 -9.95 -3.61 -20.72
N ARG B 37 -10.57 -3.97 -19.60
CA ARG B 37 -10.05 -3.60 -18.29
C ARG B 37 -8.69 -4.27 -18.07
N SER B 38 -7.75 -3.56 -17.46
CA SER B 38 -6.47 -4.14 -17.08
C SER B 38 -6.67 -5.35 -16.17
N CSO B 39 -5.83 -6.38 -16.31
CA CSO B 39 -5.90 -7.53 -15.40
CB CSO B 39 -4.86 -8.61 -15.71
SG CSO B 39 -4.87 -9.21 -17.43
C CSO B 39 -5.79 -7.14 -13.93
O CSO B 39 -4.92 -6.35 -13.56
OD CSO B 39 -6.21 -10.34 -17.33
N PRO B 40 -6.68 -7.71 -13.12
CA PRO B 40 -6.63 -7.54 -11.68
C PRO B 40 -5.51 -8.37 -11.05
N ALA B 41 -4.81 -7.77 -10.08
CA ALA B 41 -3.78 -8.49 -9.34
C ALA B 41 -4.38 -9.66 -8.57
N CYS B 42 -5.64 -9.53 -8.15
CA CYS B 42 -6.29 -10.61 -7.42
C CYS B 42 -7.66 -10.90 -7.97
N PRO B 43 -7.72 -11.77 -8.99
CA PRO B 43 -8.96 -12.12 -9.71
C PRO B 43 -10.06 -12.59 -8.77
N GLY B 44 -11.26 -12.05 -8.94
CA GLY B 44 -12.41 -12.47 -8.16
C GLY B 44 -12.58 -11.79 -6.81
N SER B 45 -11.48 -11.46 -6.14
CA SER B 45 -11.57 -10.97 -4.77
C SER B 45 -12.69 -9.94 -4.55
N ASN B 46 -13.30 -10.01 -3.37
CA ASN B 46 -14.25 -9.00 -2.92
C ASN B 46 -13.83 -8.63 -1.51
N ILE B 47 -12.54 -8.83 -1.23
CA ILE B 47 -11.95 -8.52 0.05
C ILE B 47 -10.82 -7.54 -0.20
N THR B 48 -10.25 -7.67 -1.38
CA THR B 48 -9.09 -6.89 -1.78
C THR B 48 -9.53 -5.79 -2.70
N ILE B 49 -9.03 -4.58 -2.48
CA ILE B 49 -9.33 -3.47 -3.37
C ILE B 49 -8.57 -3.71 -4.68
N ARG B 50 -9.33 -3.87 -5.76
CA ARG B 50 -8.77 -4.20 -7.06
C ARG B 50 -7.55 -3.34 -7.39
N ASN B 51 -6.46 -4.01 -7.79
CA ASN B 51 -5.25 -3.33 -8.25
C ASN B 51 -4.80 -3.97 -9.56
N GLN B 52 -3.86 -3.32 -10.24
CA GLN B 52 -3.40 -3.78 -11.56
C GLN B 52 -1.95 -4.27 -11.51
N ILE B 53 -1.46 -4.82 -12.62
CA ILE B 53 -0.17 -5.54 -12.67
C ILE B 53 0.85 -4.85 -13.60
N ASN B 54 2.11 -4.84 -13.18
CA ASN B 54 3.21 -4.40 -14.04
C ASN B 54 4.03 -5.60 -14.50
N ALA B 55 4.06 -5.83 -15.81
CA ALA B 55 4.76 -7.00 -16.39
C ALA B 55 6.26 -6.78 -16.53
N LEU B 56 6.71 -5.56 -16.30
CA LEU B 56 8.13 -5.19 -16.55
C LEU B 56 8.85 -4.94 -15.23
N THR B 57 10.18 -4.97 -15.27
CA THR B 57 10.95 -4.55 -14.10
C THR B 57 10.82 -3.05 -14.04
N SER B 58 10.62 -2.50 -12.84
CA SER B 58 10.47 -1.07 -12.71
C SER B 58 11.83 -0.36 -12.85
N PHE B 59 12.90 -1.10 -12.58
CA PHE B 59 14.23 -0.49 -12.63
C PHE B 59 14.51 0.03 -14.03
N VAL B 60 15.29 1.09 -14.10
CA VAL B 60 15.74 1.60 -15.38
C VAL B 60 16.91 0.72 -15.76
N ASP B 61 16.60 -0.46 -16.30
CA ASP B 61 17.62 -1.47 -16.57
C ASP B 61 17.62 -1.92 -18.03
N ALA B 62 17.00 -1.12 -18.89
CA ALA B 62 16.89 -1.45 -20.31
C ALA B 62 16.19 -2.78 -20.54
N SER B 63 15.30 -3.16 -19.63
CA SER B 63 14.48 -4.36 -19.84
C SER B 63 13.72 -4.31 -21.15
N MET B 64 13.61 -3.13 -21.76
CA MET B 64 12.93 -3.06 -23.05
C MET B 64 13.85 -3.60 -24.15
N VAL B 65 15.11 -3.86 -23.78
CA VAL B 65 16.03 -4.51 -24.69
C VAL B 65 16.22 -5.98 -24.30
N TYR B 66 16.38 -6.23 -23.01
CA TYR B 66 16.77 -7.57 -22.56
C TYR B 66 15.62 -8.47 -22.13
N GLY B 67 14.43 -7.89 -21.98
CA GLY B 67 13.26 -8.65 -21.53
C GLY B 67 13.13 -8.61 -20.01
N SER B 68 11.96 -8.99 -19.52
CA SER B 68 11.71 -9.01 -18.08
C SER B 68 11.37 -10.41 -17.55
N GLU B 69 11.52 -11.43 -18.39
CA GLU B 69 11.26 -12.82 -17.97
C GLU B 69 12.30 -13.75 -18.59
N GLU B 70 12.71 -14.79 -17.86
CA GLU B 70 13.82 -15.63 -18.30
C GLU B 70 13.66 -16.20 -19.72
N PRO B 71 12.56 -16.93 -19.97
CA PRO B 71 12.36 -17.55 -21.29
C PRO B 71 12.61 -16.55 -22.44
N LEU B 72 11.94 -15.40 -22.39
CA LEU B 72 12.11 -14.36 -23.40
C LEU B 72 13.54 -13.81 -23.49
N ALA B 73 14.12 -13.47 -22.34
CA ALA B 73 15.46 -12.93 -22.29
C ALA B 73 16.42 -13.89 -23.00
N ARG B 74 16.17 -15.18 -22.80
CA ARG B 74 16.92 -16.24 -23.43
C ARG B 74 16.73 -16.23 -24.96
N ASN B 75 15.48 -16.19 -25.41
CA ASN B 75 15.17 -16.16 -26.84
C ASN B 75 15.76 -14.94 -27.55
N LEU B 76 15.91 -13.84 -26.82
CA LEU B 76 16.46 -12.63 -27.41
C LEU B 76 17.97 -12.74 -27.62
N ARG B 77 18.58 -13.74 -26.98
CA ARG B 77 20.03 -13.91 -27.05
C ARG B 77 20.45 -14.86 -28.18
N ASN B 78 21.54 -14.52 -28.85
CA ASN B 78 22.18 -15.40 -29.81
C ASN B 78 23.04 -16.42 -29.06
N MET B 79 22.61 -17.67 -29.04
CA MET B 79 23.35 -18.69 -28.31
C MET B 79 24.00 -19.73 -29.22
N SER B 80 24.41 -19.28 -30.41
CA SER B 80 25.13 -20.12 -31.37
C SER B 80 26.60 -20.10 -31.07
N ASN B 81 27.00 -19.29 -30.10
CA ASN B 81 28.41 -19.09 -29.86
C ASN B 81 28.61 -18.42 -28.51
N GLN B 82 29.86 -18.09 -28.22
CA GLN B 82 30.24 -17.53 -26.94
C GLN B 82 30.53 -16.03 -27.03
N LEU B 83 29.82 -15.34 -27.93
CA LEU B 83 30.10 -13.93 -28.16
C LEU B 83 29.17 -13.01 -27.36
N GLY B 84 28.24 -13.59 -26.61
CA GLY B 84 27.32 -12.82 -25.77
C GLY B 84 26.53 -11.77 -26.53
N LEU B 85 26.10 -12.12 -27.74
CA LEU B 85 25.35 -11.19 -28.58
C LEU B 85 23.86 -11.37 -28.40
N LEU B 86 23.10 -10.36 -28.83
CA LEU B 86 21.66 -10.51 -28.96
C LEU B 86 21.37 -10.97 -30.37
N ALA B 87 20.35 -11.81 -30.51
CA ALA B 87 19.95 -12.32 -31.81
C ALA B 87 19.47 -11.18 -32.72
N VAL B 88 19.88 -11.23 -33.98
CA VAL B 88 19.48 -10.22 -34.97
C VAL B 88 18.70 -10.87 -36.10
N ASN B 89 17.97 -10.06 -36.87
CA ASN B 89 17.16 -10.57 -37.95
C ASN B 89 17.97 -11.35 -38.97
N GLN B 90 17.48 -12.54 -39.33
CA GLN B 90 18.17 -13.41 -40.27
C GLN B 90 17.66 -13.29 -41.70
N ARG B 91 16.63 -12.47 -41.92
CA ARG B 91 16.03 -12.34 -43.24
C ARG B 91 16.37 -11.02 -43.93
N PHE B 92 16.53 -9.96 -43.15
CA PHE B 92 16.76 -8.63 -43.71
C PHE B 92 17.82 -7.85 -42.94
N GLN B 93 18.52 -6.98 -43.64
CA GLN B 93 19.49 -6.09 -43.03
C GLN B 93 19.19 -4.64 -43.40
N ASP B 94 19.74 -3.71 -42.65
CA ASP B 94 19.53 -2.29 -42.90
C ASP B 94 20.86 -1.68 -43.35
N ASN B 95 21.02 -1.54 -44.66
CA ASN B 95 22.29 -1.13 -45.25
C ASN B 95 23.48 -1.83 -44.61
N GLY B 96 23.37 -3.15 -44.48
CA GLY B 96 24.43 -3.97 -43.92
C GLY B 96 24.44 -4.07 -42.41
N ARG B 97 23.50 -3.41 -41.75
CA ARG B 97 23.46 -3.41 -40.30
C ARG B 97 22.26 -4.17 -39.75
N ALA B 98 22.38 -4.59 -38.50
CA ALA B 98 21.38 -5.44 -37.85
C ALA B 98 19.99 -4.81 -37.69
N LEU B 99 18.97 -5.63 -37.92
CA LEU B 99 17.61 -5.30 -37.58
C LEU B 99 17.18 -6.25 -36.46
N LEU B 100 16.04 -5.97 -35.85
CA LEU B 100 15.52 -6.84 -34.80
C LEU B 100 14.99 -8.15 -35.40
N PRO B 101 15.10 -9.26 -34.65
CA PRO B 101 14.49 -10.49 -35.16
C PRO B 101 12.98 -10.27 -35.33
N PHE B 102 12.33 -11.12 -36.13
CA PHE B 102 10.87 -11.09 -36.20
C PHE B 102 10.29 -11.92 -35.07
N ASP B 103 9.11 -11.55 -34.62
CA ASP B 103 8.41 -12.32 -33.63
C ASP B 103 7.49 -13.29 -34.36
N ASN B 104 6.83 -14.16 -33.61
CA ASN B 104 5.94 -15.16 -34.17
C ASN B 104 4.56 -15.08 -33.55
N LEU B 105 3.90 -13.93 -33.68
CA LEU B 105 2.60 -13.70 -33.04
C LEU B 105 1.47 -14.50 -33.68
N HIS B 106 0.53 -14.93 -32.86
CA HIS B 106 -0.63 -15.65 -33.36
C HIS B 106 -1.46 -14.71 -34.21
N ASP B 107 -1.68 -13.51 -33.69
CA ASP B 107 -2.41 -12.50 -34.41
C ASP B 107 -1.52 -11.31 -34.65
N ASP B 108 -0.80 -11.32 -35.75
CA ASP B 108 0.17 -10.28 -36.01
C ASP B 108 -0.49 -9.06 -36.64
N PRO B 109 -0.49 -7.93 -35.92
CA PRO B 109 -1.11 -6.71 -36.40
C PRO B 109 -0.24 -5.98 -37.41
N CYS B 110 1.08 -6.21 -37.39
CA CYS B 110 1.99 -5.58 -38.34
C CYS B 110 1.69 -6.07 -39.76
N LEU B 111 1.42 -7.37 -39.88
CA LEU B 111 1.08 -7.96 -41.18
C LEU B 111 -0.11 -7.24 -41.81
N LEU B 112 -1.02 -6.75 -40.97
CA LEU B 112 -2.24 -6.12 -41.44
C LEU B 112 -2.03 -4.76 -42.08
N THR B 113 -0.95 -4.08 -41.68
CA THR B 113 -0.69 -2.73 -42.16
C THR B 113 -0.32 -2.66 -43.65
N ASN B 114 0.17 -3.76 -44.20
CA ASN B 114 0.45 -3.87 -45.62
C ASN B 114 0.44 -5.33 -46.00
N ARG B 115 -0.65 -5.76 -46.62
CA ARG B 115 -0.86 -7.16 -46.92
C ARG B 115 0.24 -7.79 -47.78
N SER B 116 0.59 -7.15 -48.89
CA SER B 116 1.58 -7.70 -49.82
C SER B 116 3.00 -7.75 -49.25
N ALA B 117 3.38 -6.73 -48.50
CA ALA B 117 4.72 -6.64 -47.94
C ALA B 117 5.02 -7.82 -47.01
N ARG B 118 3.99 -8.32 -46.33
CA ARG B 118 4.13 -9.46 -45.40
C ARG B 118 5.28 -9.36 -44.41
N ILE B 119 5.36 -8.25 -43.68
CA ILE B 119 6.40 -8.08 -42.66
C ILE B 119 5.80 -8.13 -41.26
N PRO B 120 6.18 -9.15 -40.47
CA PRO B 120 5.60 -9.32 -39.13
C PRO B 120 6.19 -8.32 -38.13
N CYS B 121 5.64 -8.28 -36.93
CA CYS B 121 6.16 -7.41 -35.88
C CYS B 121 7.52 -7.88 -35.41
N PHE B 122 8.28 -6.97 -34.79
CA PHE B 122 9.60 -7.33 -34.33
C PHE B 122 9.53 -7.98 -32.97
N LEU B 123 10.58 -8.69 -32.61
CA LEU B 123 10.69 -9.28 -31.28
C LEU B 123 11.75 -8.51 -30.51
N ALA B 124 11.38 -7.97 -29.36
CA ALA B 124 12.31 -7.23 -28.51
C ALA B 124 12.05 -7.54 -27.02
N GLY B 125 12.72 -6.80 -26.13
CA GLY B 125 12.55 -7.02 -24.70
C GLY B 125 11.13 -6.75 -24.24
N ASP B 126 10.51 -5.74 -24.85
CA ASP B 126 9.13 -5.36 -24.55
C ASP B 126 8.28 -5.57 -25.82
N THR B 127 7.01 -5.92 -25.62
CA THR B 127 6.14 -6.36 -26.72
C THR B 127 5.65 -5.25 -27.66
N ARG B 128 5.87 -3.99 -27.28
CA ARG B 128 5.32 -2.87 -28.04
C ARG B 128 6.29 -2.27 -29.05
N SER B 129 7.45 -2.90 -29.24
CA SER B 129 8.53 -2.32 -30.06
C SER B 129 8.11 -1.94 -31.48
N SER B 130 7.09 -2.61 -32.03
CA SER B 130 6.62 -2.31 -33.38
C SER B 130 5.52 -1.26 -33.41
N GLU B 131 5.17 -0.71 -32.25
CA GLU B 131 4.04 0.20 -32.15
C GLU B 131 4.14 1.39 -33.12
N MET B 132 5.33 1.98 -33.23
CA MET B 132 5.57 2.98 -34.25
C MET B 132 7.03 2.88 -34.70
N PRO B 133 7.32 3.21 -35.97
CA PRO B 133 8.66 2.93 -36.49
C PRO B 133 9.75 3.72 -35.76
N GLU B 134 9.38 4.90 -35.26
CA GLU B 134 10.28 5.71 -34.48
C GLU B 134 10.73 4.97 -33.23
N LEU B 135 9.81 4.25 -32.60
CA LEU B 135 10.11 3.43 -31.44
C LEU B 135 11.01 2.27 -31.85
N THR B 136 10.66 1.64 -32.96
CA THR B 136 11.42 0.49 -33.45
C THR B 136 12.88 0.84 -33.68
N SER B 137 13.11 2.02 -34.27
CA SER B 137 14.47 2.46 -34.57
C SER B 137 15.31 2.62 -33.29
N MET B 138 14.67 3.06 -32.20
CA MET B 138 15.39 3.20 -30.94
C MET B 138 15.76 1.81 -30.40
N HIS B 139 14.78 0.90 -30.37
CA HIS B 139 15.03 -0.49 -30.01
C HIS B 139 16.18 -1.08 -30.82
N THR B 140 16.17 -0.81 -32.12
CA THR B 140 17.14 -1.40 -33.03
C THR B 140 18.53 -0.80 -32.77
N LEU B 141 18.53 0.50 -32.51
CA LEU B 141 19.74 1.19 -32.11
C LEU B 141 20.39 0.55 -30.88
N LEU B 142 19.58 0.21 -29.88
CA LEU B 142 20.12 -0.29 -28.63
C LEU B 142 20.64 -1.71 -28.76
N LEU B 143 19.94 -2.50 -29.57
CA LEU B 143 20.41 -3.83 -29.96
C LEU B 143 21.80 -3.76 -30.59
N ARG B 144 21.96 -2.91 -31.58
CA ARG B 144 23.25 -2.73 -32.22
C ARG B 144 24.32 -2.36 -31.19
N GLU B 145 23.99 -1.46 -30.27
CA GLU B 145 24.97 -0.98 -29.31
C GLU B 145 25.41 -2.12 -28.39
N HIS B 146 24.47 -2.93 -27.94
CA HIS B 146 24.84 -4.10 -27.16
C HIS B 146 25.91 -4.94 -27.90
N ASN B 147 25.56 -5.42 -29.09
CA ASN B 147 26.51 -6.25 -29.84
C ASN B 147 27.82 -5.53 -30.12
N ARG B 148 27.75 -4.22 -30.42
CA ARG B 148 28.97 -3.44 -30.59
C ARG B 148 29.80 -3.50 -29.32
N LEU B 149 29.17 -3.25 -28.19
CA LEU B 149 29.84 -3.35 -26.90
C LEU B 149 30.42 -4.74 -26.68
N ALA B 150 29.61 -5.76 -26.96
CA ALA B 150 30.04 -7.13 -26.72
C ALA B 150 31.22 -7.51 -27.61
N THR B 151 31.27 -6.93 -28.80
CA THR B 151 32.37 -7.20 -29.73
C THR B 151 33.66 -6.54 -29.27
N GLU B 152 33.55 -5.32 -28.75
CA GLU B 152 34.72 -4.64 -28.20
C GLU B 152 35.28 -5.40 -26.99
N LEU B 153 34.40 -5.73 -26.05
CA LEU B 153 34.82 -6.43 -24.83
C LEU B 153 35.55 -7.71 -25.19
N LYS B 154 34.97 -8.48 -26.10
CA LYS B 154 35.61 -9.70 -26.55
C LYS B 154 37.07 -9.42 -26.93
N SER B 155 37.30 -8.42 -27.78
CA SER B 155 38.66 -8.04 -28.19
C SER B 155 39.57 -7.74 -27.00
N LEU B 156 39.02 -7.09 -25.98
CA LEU B 156 39.76 -6.74 -24.77
C LEU B 156 40.03 -7.96 -23.91
N ASN B 157 39.01 -8.77 -23.69
CA ASN B 157 39.07 -9.90 -22.79
C ASN B 157 38.77 -11.21 -23.51
N PRO B 158 39.71 -11.66 -24.34
CA PRO B 158 39.47 -12.84 -25.18
C PRO B 158 39.00 -14.05 -24.38
N ARG B 159 39.36 -14.13 -23.11
CA ARG B 159 39.04 -15.31 -22.31
C ARG B 159 37.61 -15.30 -21.75
N TRP B 160 36.94 -14.15 -21.84
CA TRP B 160 35.57 -14.03 -21.36
C TRP B 160 34.62 -14.89 -22.18
N ASP B 161 33.80 -15.69 -21.51
CA ASP B 161 32.82 -16.50 -22.24
C ASP B 161 31.60 -15.66 -22.63
N GLY B 162 30.62 -16.29 -23.28
CA GLY B 162 29.41 -15.60 -23.72
C GLY B 162 28.58 -15.00 -22.61
N GLU B 163 28.34 -15.77 -21.56
CA GLU B 163 27.57 -15.28 -20.42
C GLU B 163 28.19 -14.00 -19.87
N ARG B 164 29.51 -14.01 -19.71
CA ARG B 164 30.24 -12.86 -19.19
C ARG B 164 30.15 -11.66 -20.13
N LEU B 165 30.21 -11.92 -21.44
CA LEU B 165 30.17 -10.84 -22.42
C LEU B 165 28.80 -10.20 -22.51
N TYR B 166 27.76 -11.02 -22.46
CA TYR B 166 26.37 -10.53 -22.47
C TYR B 166 26.10 -9.64 -21.26
N GLN B 167 26.36 -10.14 -20.07
CA GLN B 167 26.12 -9.40 -18.84
C GLN B 167 26.86 -8.05 -18.82
N GLU B 168 28.15 -8.07 -19.13
CA GLU B 168 28.96 -6.86 -19.08
C GLU B 168 28.45 -5.80 -20.06
N ALA B 169 28.05 -6.25 -21.26
CA ALA B 169 27.50 -5.34 -22.26
C ALA B 169 26.12 -4.83 -21.84
N ARG B 170 25.31 -5.74 -21.29
CA ARG B 170 23.99 -5.39 -20.77
C ARG B 170 24.10 -4.38 -19.62
N LYS B 171 25.10 -4.59 -18.77
CA LYS B 171 25.31 -3.72 -17.64
C LYS B 171 25.62 -2.31 -18.13
N ILE B 172 26.38 -2.21 -19.20
CA ILE B 172 26.73 -0.92 -19.78
C ILE B 172 25.53 -0.23 -20.43
N VAL B 173 24.82 -0.96 -21.29
CA VAL B 173 23.61 -0.43 -21.92
C VAL B 173 22.64 0.11 -20.87
N GLY B 174 22.51 -0.60 -19.75
CA GLY B 174 21.63 -0.19 -18.67
C GLY B 174 22.06 1.14 -18.06
N ALA B 175 23.36 1.31 -17.89
CA ALA B 175 23.87 2.55 -17.34
C ALA B 175 23.67 3.68 -18.34
N MET B 176 23.98 3.43 -19.60
CA MET B 176 23.75 4.42 -20.64
C MET B 176 22.31 4.93 -20.57
N VAL B 177 21.34 4.02 -20.50
CA VAL B 177 19.93 4.40 -20.39
C VAL B 177 19.67 5.24 -19.13
N GLN B 178 20.22 4.84 -18.00
CA GLN B 178 20.09 5.63 -16.79
C GLN B 178 20.66 7.05 -16.97
N ILE B 179 21.81 7.13 -17.64
CA ILE B 179 22.54 8.39 -17.77
C ILE B 179 21.81 9.37 -18.68
N ILE B 180 21.48 8.92 -19.88
CA ILE B 180 20.71 9.72 -20.81
C ILE B 180 19.42 10.23 -20.17
N THR B 181 18.75 9.33 -19.44
CA THR B 181 17.47 9.63 -18.81
C THR B 181 17.59 10.68 -17.70
N TYR B 182 18.56 10.51 -16.81
CA TYR B 182 18.69 11.40 -15.66
C TYR B 182 19.55 12.63 -15.91
N ARG B 183 20.60 12.48 -16.72
CA ARG B 183 21.42 13.64 -17.05
C ARG B 183 20.72 14.52 -18.09
N ASP B 184 20.27 13.90 -19.18
CA ASP B 184 19.78 14.62 -20.35
C ASP B 184 18.27 14.82 -20.48
N TYR B 185 17.48 13.84 -20.03
CA TYR B 185 16.05 13.82 -20.35
C TYR B 185 15.16 14.43 -19.28
N LEU B 186 15.30 13.93 -18.05
CA LEU B 186 14.41 14.34 -16.98
C LEU B 186 14.46 15.84 -16.67
N PRO B 187 15.67 16.44 -16.75
CA PRO B 187 15.74 17.89 -16.52
C PRO B 187 14.90 18.68 -17.52
N LEU B 188 14.78 18.18 -18.74
CA LEU B 188 13.97 18.87 -19.76
C LEU B 188 12.49 18.50 -19.65
N VAL B 189 12.18 17.47 -18.88
CA VAL B 189 10.80 17.17 -18.55
C VAL B 189 10.34 18.05 -17.39
N LEU B 190 11.17 18.08 -16.33
CA LEU B 190 10.77 18.64 -15.05
C LEU B 190 11.08 20.13 -14.88
N GLY B 191 12.12 20.62 -15.56
CA GLY B 191 12.62 21.96 -15.31
C GLY B 191 13.61 21.89 -14.15
N PRO B 192 14.52 22.87 -14.07
CA PRO B 192 15.61 22.85 -13.09
C PRO B 192 15.13 22.91 -11.63
N THR B 193 14.05 23.63 -11.39
CA THR B 193 13.53 23.77 -10.04
C THR B 193 12.98 22.44 -9.52
N ALA B 194 12.06 21.83 -10.25
CA ALA B 194 11.49 20.56 -9.84
C ALA B 194 12.58 19.50 -9.83
N MET B 195 13.55 19.66 -10.72
CA MET B 195 14.69 18.76 -10.79
C MET B 195 15.45 18.76 -9.46
N ARG B 196 15.73 19.95 -8.95
CA ARG B 196 16.39 20.05 -7.65
C ARG B 196 15.54 19.41 -6.57
N LYS B 197 14.24 19.71 -6.61
CA LYS B 197 13.32 19.34 -5.53
C LYS B 197 13.13 17.83 -5.43
N TYR B 198 12.96 17.17 -6.57
CA TYR B 198 12.58 15.76 -6.58
C TYR B 198 13.78 14.86 -6.81
N LEU B 199 14.82 15.41 -7.41
CA LEU B 199 16.02 14.63 -7.70
C LEU B 199 17.28 15.34 -7.21
N PRO B 200 17.40 15.49 -5.88
CA PRO B 200 18.63 16.08 -5.33
C PRO B 200 19.83 15.18 -5.62
N THR B 201 21.03 15.73 -5.53
CA THR B 201 22.25 14.98 -5.82
C THR B 201 22.24 13.57 -5.25
N TYR B 202 22.49 12.58 -6.10
CA TYR B 202 22.60 11.21 -5.64
C TYR B 202 23.55 11.11 -4.48
N ARG B 203 23.30 10.18 -3.57
CA ARG B 203 24.21 9.91 -2.48
C ARG B 203 24.66 8.46 -2.59
N SER B 204 23.75 7.53 -2.32
CA SER B 204 24.00 6.12 -2.60
C SER B 204 22.75 5.27 -2.39
N TYR B 205 22.91 3.96 -2.55
CA TYR B 205 21.79 3.05 -2.51
C TYR B 205 21.13 3.04 -1.13
N ASN B 206 19.81 3.15 -1.12
CA ASN B 206 19.04 3.12 0.11
C ASN B 206 18.03 1.97 0.06
N ASP B 207 18.33 0.89 0.77
CA ASP B 207 17.52 -0.32 0.66
C ASP B 207 16.13 -0.19 1.28
N SER B 208 15.77 1.00 1.73
CA SER B 208 14.45 1.22 2.31
C SER B 208 13.55 2.00 1.36
N VAL B 209 14.05 2.27 0.15
CA VAL B 209 13.29 3.03 -0.83
C VAL B 209 12.55 2.08 -1.77
N ASP B 210 11.23 2.10 -1.74
CA ASP B 210 10.39 1.26 -2.57
C ASP B 210 10.49 1.66 -4.05
N PRO B 211 11.10 0.80 -4.88
CA PRO B 211 11.34 1.08 -6.29
C PRO B 211 10.17 0.76 -7.21
N ARG B 212 9.06 0.27 -6.66
CA ARG B 212 7.94 -0.12 -7.51
C ARG B 212 7.34 1.08 -8.24
N ILE B 213 6.83 0.84 -9.44
CA ILE B 213 6.05 1.83 -10.14
C ILE B 213 4.73 1.98 -9.41
N ALA B 214 4.36 3.22 -9.10
CA ALA B 214 3.07 3.51 -8.52
C ALA B 214 2.02 3.54 -9.63
N ASN B 215 0.83 3.00 -9.32
CA ASN B 215 -0.25 2.92 -10.28
C ASN B 215 -0.49 4.25 -11.02
N VAL B 216 -0.50 5.35 -10.28
CA VAL B 216 -0.77 6.65 -10.90
C VAL B 216 0.26 7.03 -11.96
N PHE B 217 1.52 6.64 -11.76
CA PHE B 217 2.55 6.94 -12.73
C PHE B 217 2.25 6.41 -14.16
N THR B 218 1.69 5.21 -14.24
CA THR B 218 1.36 4.63 -15.55
C THR B 218 0.38 5.49 -16.33
N ASN B 219 -0.22 6.48 -15.67
CA ASN B 219 -1.16 7.37 -16.36
C ASN B 219 -0.57 8.76 -16.52
N ALA B 220 0.16 9.22 -15.50
CA ALA B 220 0.73 10.55 -15.49
C ALA B 220 1.90 10.67 -16.46
N PHE B 221 2.69 9.60 -16.58
CA PHE B 221 3.79 9.64 -17.53
C PHE B 221 3.28 9.60 -18.97
N ARG B 222 1.98 9.35 -19.14
CA ARG B 222 1.33 9.51 -20.43
C ARG B 222 1.28 10.95 -20.93
N TYR B 223 1.80 11.88 -20.15
CA TYR B 223 1.83 13.29 -20.58
C TYR B 223 2.46 13.33 -21.96
N GLY B 224 3.40 12.42 -22.20
CA GLY B 224 4.09 12.33 -23.48
C GLY B 224 3.19 12.41 -24.70
N HIS B 225 1.97 11.94 -24.59
CA HIS B 225 1.01 11.96 -25.72
C HIS B 225 0.83 13.41 -26.20
N THR B 226 1.04 14.41 -25.37
CA THR B 226 0.89 15.81 -25.75
C THR B 226 2.02 16.30 -26.63
N LEU B 227 3.09 15.52 -26.73
CA LEU B 227 4.25 15.89 -27.54
C LEU B 227 4.18 15.36 -28.98
N ILE B 228 3.23 14.46 -29.23
CA ILE B 228 3.20 13.71 -30.50
C ILE B 228 2.82 14.55 -31.73
N GLN B 229 3.69 14.54 -32.75
CA GLN B 229 3.39 15.12 -34.05
C GLN B 229 2.53 14.15 -34.87
N PRO B 230 1.70 14.67 -35.77
CA PRO B 230 0.81 13.81 -36.56
C PRO B 230 1.48 13.12 -37.76
N PHE B 231 2.78 13.29 -37.91
CA PHE B 231 3.50 12.64 -39.00
C PHE B 231 4.73 11.91 -38.49
N MET B 232 5.11 10.85 -39.18
CA MET B 232 6.46 10.31 -39.06
C MET B 232 7.27 11.01 -40.14
N PHE B 233 8.41 11.58 -39.74
CA PHE B 233 9.25 12.39 -40.61
C PHE B 233 10.53 11.66 -40.96
N ARG B 234 10.81 11.52 -42.25
CA ARG B 234 12.06 10.90 -42.69
C ARG B 234 12.92 11.84 -43.54
N LEU B 235 14.19 11.95 -43.16
CA LEU B 235 15.11 12.85 -43.84
C LEU B 235 16.30 12.07 -44.40
N ASP B 236 16.90 12.59 -45.49
CA ASP B 236 18.10 11.97 -46.07
C ASP B 236 19.39 12.43 -45.41
N ASN B 237 20.51 11.95 -45.94
CA ASN B 237 21.83 12.22 -45.36
C ASN B 237 22.21 13.70 -45.41
N ARG B 238 21.45 14.49 -46.16
CA ARG B 238 21.63 15.95 -46.18
C ARG B 238 20.57 16.62 -45.30
N TYR B 239 19.79 15.79 -44.61
CA TYR B 239 18.70 16.26 -43.76
C TYR B 239 17.59 16.96 -44.51
N GLN B 240 17.39 16.55 -45.76
CA GLN B 240 16.28 17.03 -46.54
C GLN B 240 15.18 15.98 -46.57
N PRO B 241 13.94 16.41 -46.84
CA PRO B 241 12.84 15.47 -47.01
C PRO B 241 13.24 14.29 -47.90
N MET B 242 12.98 13.08 -47.44
CA MET B 242 13.37 11.88 -48.16
C MET B 242 12.20 11.23 -48.90
N GLU B 243 12.43 10.83 -50.13
CA GLU B 243 11.49 10.00 -50.87
C GLU B 243 11.79 8.53 -50.63
N PRO B 244 10.74 7.68 -50.59
CA PRO B 244 9.36 8.08 -50.82
C PRO B 244 8.65 8.50 -49.52
N ASN B 245 7.63 9.33 -49.63
CA ASN B 245 6.79 9.68 -48.48
C ASN B 245 7.60 10.13 -47.25
N PRO B 246 8.04 11.39 -47.25
CA PRO B 246 8.82 12.01 -46.18
C PRO B 246 7.99 12.42 -44.96
N ARG B 247 6.67 12.43 -45.11
CA ARG B 247 5.76 12.82 -44.02
C ARG B 247 4.53 11.93 -43.96
N VAL B 248 4.67 10.74 -43.40
CA VAL B 248 3.55 9.81 -43.32
C VAL B 248 2.63 10.16 -42.15
N PRO B 249 1.32 10.28 -42.42
CA PRO B 249 0.42 10.44 -41.29
C PRO B 249 0.61 9.27 -40.32
N LEU B 250 0.63 9.58 -39.02
CA LEU B 250 0.91 8.59 -37.98
C LEU B 250 -0.03 7.41 -38.05
N SER B 251 -1.27 7.68 -38.45
CA SER B 251 -2.27 6.63 -38.61
C SER B 251 -1.87 5.59 -39.67
N ARG B 252 -0.78 5.84 -40.37
CA ARG B 252 -0.30 4.86 -41.34
C ARG B 252 1.07 4.35 -40.99
N VAL B 253 1.53 4.62 -39.77
CA VAL B 253 2.79 4.05 -39.31
C VAL B 253 2.66 3.07 -38.15
N PHE B 254 1.51 3.08 -37.46
CA PHE B 254 1.34 2.18 -36.32
C PHE B 254 1.51 0.75 -36.79
N PHE B 255 2.36 0.00 -36.10
CA PHE B 255 2.57 -1.42 -36.41
C PHE B 255 3.09 -1.66 -37.82
N ALA B 256 3.54 -0.60 -38.47
CA ALA B 256 4.06 -0.68 -39.84
C ALA B 256 5.56 -0.99 -39.86
N SER B 257 5.92 -2.19 -39.42
CA SER B 257 7.32 -2.60 -39.40
C SER B 257 7.89 -2.71 -40.82
N TRP B 258 7.00 -2.86 -41.80
CA TRP B 258 7.42 -2.96 -43.21
C TRP B 258 8.15 -1.70 -43.68
N ARG B 259 7.86 -0.57 -43.05
CA ARG B 259 8.46 0.70 -43.44
C ARG B 259 9.93 0.74 -43.06
N VAL B 260 10.26 0.14 -41.92
CA VAL B 260 11.65 0.05 -41.47
C VAL B 260 12.42 -0.88 -42.39
N VAL B 261 11.81 -2.03 -42.68
CA VAL B 261 12.44 -3.07 -43.47
C VAL B 261 12.52 -2.74 -44.96
N LEU B 262 11.48 -2.11 -45.50
CA LEU B 262 11.37 -1.94 -46.94
C LEU B 262 11.49 -0.51 -47.43
N GLU B 263 11.52 0.44 -46.51
CA GLU B 263 11.60 1.85 -46.89
C GLU B 263 12.81 2.54 -46.27
N GLY B 264 13.92 1.82 -46.17
CA GLY B 264 15.21 2.48 -45.92
C GLY B 264 15.81 2.39 -44.54
N GLY B 265 15.31 1.48 -43.71
CA GLY B 265 15.90 1.26 -42.40
C GLY B 265 15.62 2.37 -41.41
N ILE B 266 16.52 2.52 -40.43
CA ILE B 266 16.27 3.43 -39.31
C ILE B 266 16.98 4.78 -39.42
N ASP B 267 17.89 4.91 -40.38
CA ASP B 267 18.63 6.16 -40.54
C ASP B 267 17.71 7.35 -40.81
N PRO B 268 16.86 7.23 -41.83
CA PRO B 268 16.00 8.37 -42.15
C PRO B 268 15.05 8.72 -41.00
N ILE B 269 14.72 7.72 -40.19
CA ILE B 269 13.80 7.93 -39.08
C ILE B 269 14.51 8.62 -37.91
N LEU B 270 15.68 8.12 -37.53
CA LEU B 270 16.50 8.78 -36.52
C LEU B 270 16.80 10.25 -36.88
N ARG B 271 17.14 10.51 -38.14
CA ARG B 271 17.37 11.90 -38.58
C ARG B 271 16.08 12.73 -38.45
N GLY B 272 14.95 12.15 -38.85
CA GLY B 272 13.66 12.80 -38.67
C GLY B 272 13.43 13.20 -37.22
N LEU B 273 13.78 12.30 -36.30
CA LEU B 273 13.63 12.57 -34.86
C LEU B 273 14.53 13.68 -34.35
N MET B 274 15.77 13.75 -34.83
CA MET B 274 16.71 14.72 -34.31
C MET B 274 16.44 16.12 -34.82
N ALA B 275 15.93 16.22 -36.04
CA ALA B 275 15.88 17.51 -36.72
C ALA B 275 14.47 18.00 -37.04
N THR B 276 13.49 17.40 -36.37
CA THR B 276 12.12 17.88 -36.42
C THR B 276 11.75 18.22 -34.98
N PRO B 277 11.03 19.33 -34.78
CA PRO B 277 10.63 19.74 -33.44
C PRO B 277 9.53 18.86 -32.88
N ALA B 278 9.48 18.73 -31.56
CA ALA B 278 8.37 18.07 -30.93
C ALA B 278 7.15 18.98 -31.05
N LYS B 279 5.97 18.45 -30.74
CA LYS B 279 4.82 19.30 -30.57
C LYS B 279 4.89 19.95 -29.18
N LEU B 280 4.48 21.20 -29.09
CA LEU B 280 4.40 21.89 -27.81
C LEU B 280 2.99 21.69 -27.24
N ASN B 281 2.93 21.26 -26.00
CA ASN B 281 1.66 21.17 -25.30
C ASN B 281 1.15 22.56 -25.01
N ARG B 282 -0.06 22.84 -25.46
CA ARG B 282 -0.69 24.10 -25.14
C ARG B 282 -2.14 23.91 -24.74
N GLN B 283 -2.58 24.71 -23.78
CA GLN B 283 -3.90 24.57 -23.20
C GLN B 283 -5.06 24.49 -24.20
N ASN B 284 -4.86 24.94 -25.43
CA ASN B 284 -5.89 24.73 -26.45
C ASN B 284 -5.37 23.90 -27.64
N GLN B 285 -4.24 23.25 -27.42
CA GLN B 285 -3.63 22.39 -28.42
C GLN B 285 -2.97 21.23 -27.70
N ILE B 286 -3.80 20.43 -27.06
CA ILE B 286 -3.32 19.39 -26.15
C ILE B 286 -2.80 18.13 -26.84
N ALA B 287 -3.57 17.57 -27.77
CA ALA B 287 -3.15 16.36 -28.46
C ALA B 287 -3.82 16.23 -29.82
N VAL B 288 -3.05 15.76 -30.81
CA VAL B 288 -3.52 15.76 -32.20
C VAL B 288 -4.55 14.67 -32.54
N ASP B 289 -5.36 14.96 -33.55
CA ASP B 289 -6.37 14.04 -34.04
C ASP B 289 -5.83 12.73 -34.60
N GLU B 290 -4.55 12.68 -34.97
CA GLU B 290 -3.98 11.42 -35.44
C GLU B 290 -4.01 10.34 -34.34
N ILE B 291 -3.95 10.76 -33.09
CA ILE B 291 -4.10 9.80 -31.99
C ILE B 291 -5.48 9.94 -31.35
N ARG B 292 -6.12 11.09 -31.54
CA ARG B 292 -7.43 11.33 -30.94
C ARG B 292 -8.56 10.69 -31.76
N GLU B 293 -8.36 10.58 -33.07
CA GLU B 293 -9.40 10.11 -33.96
C GLU B 293 -9.03 8.81 -34.65
N ARG B 294 -7.74 8.54 -34.78
CA ARG B 294 -7.28 7.54 -35.73
C ARG B 294 -6.20 6.59 -35.20
N LEU B 295 -6.15 6.42 -33.89
CA LEU B 295 -5.21 5.47 -33.32
C LEU B 295 -5.48 4.05 -33.79
N PHE B 296 -4.51 3.45 -34.46
CA PHE B 296 -4.59 2.04 -34.82
C PHE B 296 -5.70 1.75 -35.84
N GLU B 297 -6.21 2.80 -36.47
CA GLU B 297 -7.15 2.69 -37.60
C GLU B 297 -6.92 1.47 -38.48
N GLN B 298 -5.66 1.20 -38.83
CA GLN B 298 -5.35 0.17 -39.82
C GLN B 298 -5.45 -1.26 -39.30
N VAL B 299 -5.69 -1.43 -38.00
CA VAL B 299 -5.71 -2.78 -37.44
C VAL B 299 -6.88 -3.03 -36.50
N MET B 300 -7.79 -2.05 -36.41
CA MET B 300 -8.94 -2.18 -35.52
C MET B 300 -10.20 -1.89 -36.29
N ARG B 301 -11.32 -2.39 -35.78
CA ARG B 301 -12.59 -2.21 -36.48
C ARG B 301 -12.92 -0.72 -36.53
N ILE B 302 -12.41 0.03 -35.57
CA ILE B 302 -12.62 1.48 -35.56
C ILE B 302 -11.37 2.19 -35.08
N GLY B 303 -11.28 3.49 -35.33
CA GLY B 303 -10.14 4.28 -34.86
C GLY B 303 -10.29 4.62 -33.38
N LEU B 304 -9.18 4.58 -32.64
CA LEU B 304 -9.23 4.81 -31.21
C LEU B 304 -8.93 6.27 -30.85
N ASP B 305 -9.34 6.67 -29.65
CA ASP B 305 -9.03 7.98 -29.09
C ASP B 305 -8.14 7.78 -27.87
N LEU B 306 -6.85 8.01 -28.03
CA LEU B 306 -5.86 7.70 -26.99
C LEU B 306 -6.06 8.52 -25.71
N PRO B 307 -6.29 9.83 -25.85
CA PRO B 307 -6.57 10.66 -24.67
C PRO B 307 -7.79 10.14 -23.91
N ALA B 308 -8.86 9.78 -24.63
CA ALA B 308 -10.07 9.26 -24.00
C ALA B 308 -9.76 7.95 -23.28
N LEU B 309 -9.02 7.07 -23.96
CA LEU B 309 -8.53 5.83 -23.39
C LEU B 309 -7.74 6.12 -22.12
N ASN B 310 -6.91 7.15 -22.17
CA ASN B 310 -6.09 7.52 -21.02
C ASN B 310 -7.02 7.77 -19.84
N MET B 311 -8.12 8.46 -20.12
CA MET B 311 -9.06 8.83 -19.08
C MET B 311 -9.91 7.64 -18.62
N GLN B 312 -10.32 6.79 -19.54
CA GLN B 312 -11.08 5.60 -19.16
C GLN B 312 -10.18 4.68 -18.34
N ARG B 313 -8.89 4.66 -18.70
CA ARG B 313 -7.92 3.80 -18.03
C ARG B 313 -7.68 4.23 -16.59
N SER B 314 -7.78 5.53 -16.32
CA SER B 314 -7.57 5.98 -14.96
C SER B 314 -8.76 5.58 -14.09
N ARG B 315 -9.93 5.50 -14.70
CA ARG B 315 -11.12 5.06 -13.98
C ARG B 315 -11.06 3.56 -13.72
N ASP B 316 -10.72 2.80 -14.77
CA ASP B 316 -10.47 1.37 -14.67
C ASP B 316 -9.51 1.06 -13.51
N HIS B 317 -8.49 1.90 -13.34
CA HIS B 317 -7.45 1.70 -12.32
C HIS B 317 -7.83 2.29 -10.96
N GLY B 318 -9.02 2.88 -10.88
CA GLY B 318 -9.50 3.42 -9.61
C GLY B 318 -8.66 4.55 -9.05
N LEU B 319 -8.07 5.35 -9.93
CA LEU B 319 -7.26 6.49 -9.51
C LEU B 319 -8.12 7.68 -9.03
N PRO B 320 -7.75 8.25 -7.88
CA PRO B 320 -8.36 9.46 -7.35
C PRO B 320 -8.28 10.61 -8.34
N GLY B 321 -9.11 11.63 -8.13
CA GLY B 321 -9.15 12.76 -9.05
C GLY B 321 -8.03 13.78 -8.88
N TYR B 322 -8.04 14.76 -9.76
CA TYR B 322 -7.08 15.86 -9.78
C TYR B 322 -6.75 16.33 -8.37
N ASN B 323 -7.76 16.78 -7.65
CA ASN B 323 -7.52 17.36 -6.32
C ASN B 323 -6.88 16.45 -5.27
N ALA B 324 -7.25 15.17 -5.21
CA ALA B 324 -6.61 14.26 -4.26
C ALA B 324 -5.11 14.20 -4.55
N TRP B 325 -4.76 14.14 -5.83
CA TRP B 325 -3.37 14.12 -6.22
C TRP B 325 -2.69 15.44 -5.92
N ARG B 326 -3.39 16.55 -6.15
CA ARG B 326 -2.86 17.85 -5.80
C ARG B 326 -2.48 17.81 -4.32
N ARG B 327 -3.41 17.30 -3.50
CA ARG B 327 -3.21 17.21 -2.06
C ARG B 327 -2.02 16.31 -1.72
N PHE B 328 -1.94 15.19 -2.41
CA PHE B 328 -0.85 14.24 -2.21
C PHE B 328 0.48 14.93 -2.45
N CYS B 329 0.50 15.80 -3.46
CA CYS B 329 1.71 16.49 -3.86
C CYS B 329 1.97 17.73 -3.04
N GLY B 330 1.01 18.13 -2.21
CA GLY B 330 1.15 19.33 -1.40
C GLY B 330 0.85 20.60 -2.18
N LEU B 331 0.07 20.47 -3.25
CA LEU B 331 -0.38 21.62 -4.03
C LEU B 331 -1.80 22.05 -3.66
N PRO B 332 -2.06 23.35 -3.71
CA PRO B 332 -3.42 23.80 -3.41
C PRO B 332 -4.45 23.07 -4.26
N GLN B 333 -5.64 22.87 -3.70
CA GLN B 333 -6.70 22.17 -4.40
C GLN B 333 -7.84 23.12 -4.72
N PRO B 334 -7.88 23.65 -5.94
CA PRO B 334 -8.96 24.55 -6.32
C PRO B 334 -10.31 23.87 -6.15
N GLU B 335 -11.27 24.61 -5.62
CA GLU B 335 -12.64 24.12 -5.44
C GLU B 335 -13.61 24.76 -6.42
N THR B 336 -13.37 26.02 -6.78
CA THR B 336 -14.28 26.77 -7.66
C THR B 336 -13.69 27.02 -9.05
N VAL B 337 -14.55 27.32 -10.01
CA VAL B 337 -14.11 27.62 -11.37
C VAL B 337 -13.10 28.77 -11.35
N GLY B 338 -13.34 29.75 -10.49
CA GLY B 338 -12.42 30.87 -10.32
C GLY B 338 -11.07 30.41 -9.80
N GLN B 339 -11.08 29.55 -8.78
CA GLN B 339 -9.83 29.08 -8.19
C GLN B 339 -9.06 28.22 -9.18
N LEU B 340 -9.79 27.48 -10.01
CA LEU B 340 -9.16 26.63 -11.01
C LEU B 340 -8.52 27.51 -12.08
N GLY B 341 -9.18 28.63 -12.38
CA GLY B 341 -8.65 29.57 -13.35
C GLY B 341 -7.28 30.08 -12.93
N THR B 342 -7.12 30.31 -11.64
CA THR B 342 -5.86 30.79 -11.10
C THR B 342 -4.78 29.72 -11.20
N VAL B 343 -5.10 28.49 -10.83
CA VAL B 343 -4.11 27.42 -10.93
C VAL B 343 -3.64 27.28 -12.38
N LEU B 344 -4.57 27.45 -13.32
CA LEU B 344 -4.29 27.24 -14.75
C LEU B 344 -3.87 28.52 -15.48
N ARG B 345 -3.90 29.65 -14.78
CA ARG B 345 -3.75 30.94 -15.45
C ARG B 345 -4.67 31.00 -16.69
N ASN B 346 -5.86 30.41 -16.60
CA ASN B 346 -6.73 30.27 -17.77
C ASN B 346 -8.22 29.99 -17.44
N LEU B 347 -9.02 31.05 -17.36
CA LEU B 347 -10.39 30.95 -16.89
C LEU B 347 -11.29 30.19 -17.89
N LYS B 348 -11.02 30.38 -19.17
CA LYS B 348 -11.77 29.67 -20.21
C LYS B 348 -11.64 28.15 -20.05
N LEU B 349 -10.41 27.65 -19.96
CA LEU B 349 -10.20 26.22 -19.79
C LEU B 349 -10.84 25.74 -18.49
N ALA B 350 -10.61 26.46 -17.41
CA ALA B 350 -11.21 26.15 -16.13
C ALA B 350 -12.71 25.96 -16.29
N ARG B 351 -13.35 26.91 -16.97
CA ARG B 351 -14.79 26.81 -17.24
C ARG B 351 -15.14 25.52 -17.96
N LYS B 352 -14.42 25.24 -19.04
CA LYS B 352 -14.64 24.01 -19.80
C LYS B 352 -14.50 22.78 -18.92
N LEU B 353 -13.49 22.76 -18.06
CA LEU B 353 -13.29 21.63 -17.17
C LEU B 353 -14.44 21.47 -16.17
N MET B 354 -14.91 22.59 -15.62
CA MET B 354 -16.02 22.54 -14.67
C MET B 354 -17.27 22.04 -15.37
N GLU B 355 -17.46 22.49 -16.60
CA GLU B 355 -18.59 22.10 -17.42
C GLU B 355 -18.60 20.59 -17.69
N GLN B 356 -17.42 20.01 -17.87
CA GLN B 356 -17.30 18.57 -18.05
C GLN B 356 -17.45 17.81 -16.72
N TYR B 357 -16.70 18.26 -15.71
CA TYR B 357 -16.51 17.48 -14.49
C TYR B 357 -17.36 17.90 -13.29
N GLY B 358 -17.84 19.14 -13.29
CA GLY B 358 -18.61 19.64 -12.16
C GLY B 358 -17.75 20.08 -10.98
N THR B 359 -16.63 19.39 -10.76
CA THR B 359 -15.72 19.72 -9.67
C THR B 359 -14.28 19.35 -10.01
N PRO B 360 -13.32 20.17 -9.56
CA PRO B 360 -11.92 19.81 -9.75
C PRO B 360 -11.56 18.51 -9.02
N ASN B 361 -12.43 18.06 -8.12
CA ASN B 361 -12.20 16.80 -7.44
C ASN B 361 -12.28 15.61 -8.39
N ASN B 362 -13.01 15.79 -9.48
CA ASN B 362 -13.33 14.69 -10.37
C ASN B 362 -12.53 14.68 -11.65
N ILE B 363 -11.80 15.75 -11.90
CA ILE B 363 -11.01 15.81 -13.11
C ILE B 363 -10.04 14.62 -13.10
N ASP B 364 -10.00 13.90 -14.21
CA ASP B 364 -9.15 12.73 -14.36
C ASP B 364 -7.67 13.18 -14.33
N ILE B 365 -6.84 12.42 -13.63
CA ILE B 365 -5.47 12.80 -13.40
C ILE B 365 -4.72 13.22 -14.66
N TRP B 366 -4.85 12.44 -15.73
CA TRP B 366 -4.19 12.79 -16.98
C TRP B 366 -4.67 14.13 -17.51
N MET B 367 -5.99 14.29 -17.61
CA MET B 367 -6.56 15.51 -18.12
C MET B 367 -6.09 16.70 -17.28
N GLY B 368 -6.17 16.53 -15.96
CA GLY B 368 -5.76 17.60 -15.05
C GLY B 368 -4.28 17.88 -15.21
N GLY B 369 -3.49 16.81 -15.29
CA GLY B 369 -2.05 16.93 -15.44
C GLY B 369 -1.63 17.79 -16.62
N VAL B 370 -2.14 17.46 -17.80
CA VAL B 370 -1.71 18.15 -19.01
C VAL B 370 -2.39 19.51 -19.20
N SER B 371 -3.38 19.81 -18.37
CA SER B 371 -4.03 21.12 -18.43
C SER B 371 -3.17 22.22 -17.82
N GLU B 372 -2.35 21.85 -16.84
CA GLU B 372 -1.59 22.84 -16.10
C GLU B 372 -0.52 23.48 -16.97
N PRO B 373 -0.34 24.79 -16.81
CA PRO B 373 0.71 25.48 -17.57
C PRO B 373 2.06 24.84 -17.25
N LEU B 374 2.94 24.76 -18.24
CA LEU B 374 4.21 24.08 -18.05
C LEU B 374 5.16 24.85 -17.16
N LYS B 375 5.95 24.12 -16.37
CA LYS B 375 6.99 24.74 -15.58
C LYS B 375 8.09 25.30 -16.47
N ARG B 376 8.76 26.35 -16.01
CA ARG B 376 9.82 26.95 -16.80
C ARG B 376 10.89 25.94 -17.20
N LYS B 377 11.14 25.84 -18.50
CA LYS B 377 12.17 24.98 -19.07
C LYS B 377 11.88 23.51 -18.82
N GLY B 378 10.62 23.23 -18.52
CA GLY B 378 10.12 21.86 -18.43
C GLY B 378 8.89 21.69 -19.31
N ARG B 379 8.34 20.49 -19.36
CA ARG B 379 7.17 20.27 -20.22
C ARG B 379 6.01 19.60 -19.48
N VAL B 380 5.96 19.80 -18.16
CA VAL B 380 4.82 19.43 -17.34
C VAL B 380 4.57 20.53 -16.30
N GLY B 381 3.37 20.56 -15.73
CA GLY B 381 3.07 21.49 -14.65
C GLY B 381 3.49 20.91 -13.32
N PRO B 382 3.18 21.62 -12.23
CA PRO B 382 3.58 21.21 -10.88
C PRO B 382 3.05 19.81 -10.52
N LEU B 383 1.82 19.51 -10.89
CA LEU B 383 1.23 18.22 -10.53
C LEU B 383 2.01 17.04 -11.13
N LEU B 384 2.21 17.06 -12.44
CA LEU B 384 2.92 15.98 -13.12
C LEU B 384 4.42 15.93 -12.77
N ALA B 385 5.05 17.09 -12.59
CA ALA B 385 6.44 17.14 -12.13
C ALA B 385 6.56 16.41 -10.79
N CYS B 386 5.63 16.68 -9.89
CA CYS B 386 5.63 16.01 -8.59
C CYS B 386 5.50 14.50 -8.76
N ILE B 387 4.49 14.07 -9.51
CA ILE B 387 4.28 12.65 -9.67
C ILE B 387 5.46 11.98 -10.39
N ILE B 388 5.85 12.54 -11.53
CA ILE B 388 6.95 11.98 -12.29
C ILE B 388 8.29 12.05 -11.52
N GLY B 389 8.56 13.20 -10.90
CA GLY B 389 9.81 13.36 -10.15
C GLY B 389 9.93 12.35 -9.03
N THR B 390 8.85 12.20 -8.26
CA THR B 390 8.81 11.27 -7.15
C THR B 390 9.13 9.84 -7.59
N GLN B 391 8.52 9.41 -8.69
CA GLN B 391 8.76 8.06 -9.19
C GLN B 391 10.22 7.80 -9.55
N PHE B 392 10.83 8.73 -10.28
CA PHE B 392 12.18 8.50 -10.76
C PHE B 392 13.23 8.53 -9.66
N ARG B 393 13.00 9.33 -8.62
CA ARG B 393 13.86 9.29 -7.44
C ARG B 393 13.85 7.92 -6.75
N LYS B 394 12.67 7.30 -6.67
CA LYS B 394 12.57 5.98 -6.09
C LYS B 394 13.30 4.94 -6.94
N LEU B 395 13.17 5.07 -8.26
CA LEU B 395 13.83 4.18 -9.20
C LEU B 395 15.34 4.31 -9.09
N ARG B 396 15.80 5.51 -8.73
CA ARG B 396 17.22 5.78 -8.62
C ARG B 396 17.77 5.39 -7.25
N ASP B 397 17.18 5.93 -6.20
CA ASP B 397 17.67 5.71 -4.84
C ASP B 397 17.41 4.29 -4.35
N GLY B 398 16.42 3.64 -4.97
CA GLY B 398 16.02 2.30 -4.54
C GLY B 398 16.54 1.18 -5.43
N ASP B 399 17.42 1.52 -6.37
CA ASP B 399 18.03 0.55 -7.27
C ASP B 399 19.43 0.19 -6.78
N ARG B 400 19.60 -1.03 -6.31
CA ARG B 400 20.89 -1.50 -5.82
C ARG B 400 21.93 -1.50 -6.92
N PHE B 401 21.49 -1.54 -8.17
CA PHE B 401 22.42 -1.58 -9.30
C PHE B 401 22.46 -0.24 -10.02
N TRP B 402 22.03 0.81 -9.34
CA TRP B 402 22.20 2.15 -9.89
C TRP B 402 23.67 2.37 -10.25
N TRP B 403 23.92 2.95 -11.42
CA TRP B 403 25.28 2.99 -11.97
C TRP B 403 26.32 3.72 -11.10
N GLU B 404 25.88 4.75 -10.39
CA GLU B 404 26.76 5.47 -9.49
C GLU B 404 26.89 4.79 -8.14
N ASN B 405 26.11 3.72 -7.90
CA ASN B 405 26.18 3.06 -6.60
C ASN B 405 27.53 2.41 -6.40
N GLU B 406 28.10 2.64 -5.23
CA GLU B 406 29.43 2.16 -4.92
C GLU B 406 29.47 0.64 -5.08
N GLY B 407 30.51 0.15 -5.75
CA GLY B 407 30.67 -1.28 -5.95
C GLY B 407 30.11 -1.82 -7.25
N VAL B 408 29.25 -1.06 -7.93
CA VAL B 408 28.65 -1.52 -9.17
C VAL B 408 29.62 -1.44 -10.34
N PHE B 409 30.12 -0.25 -10.60
CA PHE B 409 31.21 -0.03 -11.55
C PHE B 409 32.43 0.44 -10.78
N SER B 410 33.60 0.32 -11.37
CA SER B 410 34.79 0.93 -10.77
C SER B 410 34.73 2.45 -10.96
N MET B 411 35.57 3.15 -10.19
CA MET B 411 35.68 4.60 -10.31
C MET B 411 36.06 4.99 -11.75
N GLN B 412 37.03 4.29 -12.32
CA GLN B 412 37.48 4.56 -13.67
C GLN B 412 36.37 4.26 -14.70
N GLN B 413 35.62 3.19 -14.47
CA GLN B 413 34.51 2.88 -15.36
C GLN B 413 33.45 3.98 -15.29
N ARG B 414 33.19 4.49 -14.09
CA ARG B 414 32.23 5.57 -13.93
C ARG B 414 32.70 6.80 -14.71
N GLN B 415 33.98 7.12 -14.60
CA GLN B 415 34.51 8.26 -15.33
C GLN B 415 34.35 8.06 -16.83
N ALA B 416 34.60 6.85 -17.30
CA ALA B 416 34.46 6.55 -18.72
C ALA B 416 32.99 6.66 -19.15
N LEU B 417 32.09 6.18 -18.29
CA LEU B 417 30.66 6.19 -18.58
C LEU B 417 30.07 7.60 -18.69
N ALA B 418 30.57 8.51 -17.87
CA ALA B 418 30.12 9.91 -17.91
C ALA B 418 30.31 10.51 -19.30
N GLN B 419 31.07 9.82 -20.15
CA GLN B 419 31.38 10.35 -21.46
C GLN B 419 30.31 10.04 -22.50
N ILE B 420 29.37 9.15 -22.17
CA ILE B 420 28.44 8.66 -23.20
C ILE B 420 27.33 9.66 -23.55
N SER B 421 26.78 9.52 -24.76
CA SER B 421 25.62 10.32 -25.15
C SER B 421 24.81 9.60 -26.24
N LEU B 422 23.53 9.94 -26.34
CA LEU B 422 22.67 9.33 -27.36
C LEU B 422 23.17 9.61 -28.79
N PRO B 423 23.69 10.84 -29.04
CA PRO B 423 24.27 11.19 -30.33
C PRO B 423 25.48 10.32 -30.71
N ARG B 424 26.42 10.12 -29.78
CA ARG B 424 27.52 9.19 -30.00
C ARG B 424 27.01 7.80 -30.35
N ILE B 425 26.14 7.27 -29.51
CA ILE B 425 25.51 5.97 -29.75
C ILE B 425 24.92 5.92 -31.15
N ILE B 426 24.38 7.02 -31.63
CA ILE B 426 23.84 7.06 -32.97
C ILE B 426 24.94 7.07 -34.04
N CYS B 427 26.05 7.74 -33.73
CA CYS B 427 27.19 7.76 -34.63
C CYS B 427 27.81 6.37 -34.77
N ASP B 428 27.81 5.60 -33.69
CA ASP B 428 28.53 4.34 -33.63
C ASP B 428 27.77 3.15 -34.24
N ASN B 429 26.48 3.36 -34.57
CA ASN B 429 25.63 2.24 -34.95
C ASN B 429 24.77 2.54 -36.18
N THR B 430 25.05 3.63 -36.89
CA THR B 430 24.31 3.94 -38.10
C THR B 430 25.19 4.51 -39.19
N GLY B 431 24.59 4.77 -40.35
CA GLY B 431 25.29 5.45 -41.45
C GLY B 431 25.17 6.95 -41.33
N ILE B 432 24.68 7.42 -40.19
CA ILE B 432 24.55 8.86 -39.95
C ILE B 432 25.86 9.41 -39.42
N THR B 433 26.41 10.43 -40.09
CA THR B 433 27.70 11.02 -39.69
C THR B 433 27.59 12.43 -39.13
N THR B 434 26.40 13.01 -39.17
CA THR B 434 26.14 14.32 -38.57
C THR B 434 24.96 14.16 -37.61
N VAL B 435 25.13 14.62 -36.37
CA VAL B 435 24.12 14.43 -35.34
C VAL B 435 23.92 15.67 -34.46
N SER B 436 22.89 15.61 -33.62
CA SER B 436 22.52 16.70 -32.71
C SER B 436 23.63 17.08 -31.75
N LYS B 437 23.73 18.36 -31.43
CA LYS B 437 24.58 18.82 -30.34
C LYS B 437 23.89 18.42 -29.03
N ASN B 438 24.68 18.25 -27.97
CA ASN B 438 24.07 18.18 -26.66
C ASN B 438 23.45 19.53 -26.37
N ASN B 439 22.23 19.56 -25.83
CA ASN B 439 21.46 18.38 -25.46
C ASN B 439 20.57 17.92 -26.61
N ILE B 440 20.66 16.63 -26.96
CA ILE B 440 19.95 16.09 -28.11
C ILE B 440 18.44 16.27 -28.01
N PHE B 441 17.91 16.45 -26.80
CA PHE B 441 16.47 16.58 -26.63
C PHE B 441 16.03 18.01 -26.86
N MET B 442 16.99 18.92 -26.89
CA MET B 442 16.73 20.31 -27.16
C MET B 442 16.98 20.63 -28.64
N SER B 443 18.22 20.40 -29.08
CA SER B 443 18.58 20.55 -30.49
C SER B 443 17.47 20.02 -31.41
N ASN B 444 17.07 20.81 -32.40
CA ASN B 444 16.01 20.39 -33.30
C ASN B 444 16.01 21.12 -34.63
N SER B 445 17.07 21.87 -34.88
CA SER B 445 17.16 22.60 -36.13
C SER B 445 18.47 22.36 -36.86
N TYR B 446 18.39 21.69 -38.01
CA TYR B 446 19.56 21.49 -38.84
C TYR B 446 19.77 22.69 -39.78
N PRO B 447 21.03 23.13 -39.94
CA PRO B 447 22.19 22.51 -39.30
C PRO B 447 22.62 23.22 -38.02
N ARG B 448 21.83 24.18 -37.56
CA ARG B 448 22.26 24.96 -36.42
C ARG B 448 22.64 24.10 -35.21
N ASP B 449 21.83 23.10 -34.89
CA ASP B 449 22.05 22.31 -33.67
C ASP B 449 22.73 20.97 -33.95
N PHE B 450 23.58 20.93 -34.96
CA PHE B 450 24.23 19.68 -35.35
C PHE B 450 25.75 19.77 -35.42
N VAL B 451 26.40 18.63 -35.21
CA VAL B 451 27.85 18.53 -35.34
C VAL B 451 28.25 17.29 -36.13
N ASN B 452 29.53 17.23 -36.48
CA ASN B 452 30.08 16.04 -37.10
C ASN B 452 30.37 14.99 -36.02
N CYS B 453 30.10 13.73 -36.33
CA CYS B 453 30.41 12.64 -35.41
C CYS B 453 31.85 12.69 -34.88
N SER B 454 32.78 13.05 -35.75
CA SER B 454 34.19 13.04 -35.36
C SER B 454 34.49 13.94 -34.16
N THR B 455 33.60 14.87 -33.86
CA THR B 455 33.84 15.82 -32.77
C THR B 455 33.51 15.20 -31.41
N LEU B 456 32.77 14.10 -31.43
CA LEU B 456 32.32 13.43 -30.21
C LEU B 456 33.22 12.27 -29.79
N PRO B 457 33.61 12.24 -28.51
CA PRO B 457 34.51 11.17 -28.09
C PRO B 457 33.70 9.89 -27.87
N ALA B 458 34.28 8.75 -28.19
CA ALA B 458 33.59 7.48 -28.01
C ALA B 458 33.71 7.00 -26.58
N LEU B 459 32.84 6.08 -26.18
CA LEU B 459 32.99 5.42 -24.89
C LEU B 459 34.31 4.66 -24.92
N ASN B 460 35.16 4.94 -23.94
CA ASN B 460 36.45 4.24 -23.83
C ASN B 460 36.36 3.07 -22.85
N LEU B 461 36.43 1.86 -23.38
CA LEU B 461 36.28 0.64 -22.56
C LEU B 461 37.58 0.09 -21.95
N ALA B 462 38.60 0.93 -21.85
CA ALA B 462 39.89 0.49 -21.33
C ALA B 462 39.80 -0.12 -19.95
N SER B 463 39.06 0.53 -19.05
CA SER B 463 39.00 0.15 -17.64
C SER B 463 38.21 -1.14 -17.41
N TRP B 464 37.67 -1.70 -18.48
CA TRP B 464 37.01 -3.01 -18.43
C TRP B 464 38.02 -4.14 -18.71
N ARG B 465 39.26 -3.77 -18.98
CA ARG B 465 40.32 -4.76 -19.24
C ARG B 465 40.62 -5.60 -18.00
N GLU B 466 40.53 -6.92 -18.13
CA GLU B 466 40.94 -7.81 -17.04
C GLU B 466 42.28 -8.48 -17.35
N ALA B 467 43.24 -8.32 -16.44
CA ALA B 467 44.55 -8.92 -16.59
C ALA B 467 44.46 -10.45 -16.67
N CYS C 1 -22.87 4.50 -1.80
CA CYS C 1 -23.03 5.31 -0.56
C CYS C 1 -24.12 6.35 -0.72
N PRO C 2 -25.12 6.32 0.18
CA PRO C 2 -26.19 7.32 0.20
C PRO C 2 -25.61 8.75 0.20
N GLU C 3 -26.39 9.70 -0.32
CA GLU C 3 -25.96 11.09 -0.41
C GLU C 3 -25.96 11.75 0.97
N GLN C 4 -26.91 11.37 1.81
CA GLN C 4 -26.96 11.84 3.19
C GLN C 4 -27.26 10.67 4.12
N ASP C 5 -26.58 10.64 5.26
CA ASP C 5 -26.82 9.65 6.28
C ASP C 5 -26.72 10.31 7.64
N LYS C 6 -26.98 9.56 8.70
CA LYS C 6 -27.05 10.14 10.04
C LYS C 6 -26.24 9.33 11.06
N TYR C 7 -26.08 8.04 10.80
CA TYR C 7 -25.34 7.17 11.72
C TYR C 7 -24.35 6.31 10.96
N ARG C 8 -23.42 5.72 11.69
CA ARG C 8 -22.48 4.79 11.08
C ARG C 8 -23.24 3.61 10.49
N THR C 9 -22.70 3.03 9.44
CA THR C 9 -23.12 1.70 9.06
C THR C 9 -22.46 0.76 10.06
N ILE C 10 -23.00 -0.45 10.19
CA ILE C 10 -22.43 -1.43 11.08
C ILE C 10 -21.02 -1.84 10.64
N THR C 11 -20.84 -2.03 9.32
CA THR C 11 -19.59 -2.56 8.79
C THR C 11 -18.46 -1.53 8.63
N GLY C 12 -18.81 -0.25 8.68
CA GLY C 12 -17.84 0.82 8.46
C GLY C 12 -17.86 1.32 7.03
N MET C 13 -18.53 0.60 6.15
CA MET C 13 -18.71 1.02 4.77
C MET C 13 -19.22 2.46 4.74
N CYS C 14 -18.68 3.27 3.83
CA CYS C 14 -19.19 4.63 3.57
C CYS C 14 -18.76 5.75 4.55
N ASN C 15 -17.99 5.40 5.57
CA ASN C 15 -17.42 6.43 6.43
C ASN C 15 -16.57 7.38 5.58
N ASN C 16 -15.75 6.81 4.70
CA ASN C 16 -15.01 7.59 3.72
C ASN C 16 -15.71 7.52 2.36
N ARG C 17 -16.32 8.63 1.95
CA ARG C 17 -17.15 8.66 0.74
C ARG C 17 -16.36 8.41 -0.56
N ARG C 18 -15.14 8.93 -0.62
CA ARG C 18 -14.32 8.77 -1.82
C ARG C 18 -13.77 7.35 -1.97
N SER C 19 -13.57 6.68 -0.85
CA SER C 19 -13.06 5.31 -0.85
C SER C 19 -13.78 4.53 0.25
N PRO C 20 -15.04 4.14 -0.04
CA PRO C 20 -16.04 3.69 0.91
C PRO C 20 -15.76 2.37 1.64
N THR C 21 -14.67 1.70 1.33
CA THR C 21 -14.34 0.48 2.07
C THR C 21 -13.34 0.73 3.19
N LEU C 22 -12.63 1.86 3.15
CA LEU C 22 -11.60 2.15 4.15
C LEU C 22 -12.13 2.16 5.58
N GLY C 23 -11.62 1.25 6.42
CA GLY C 23 -12.04 1.18 7.81
C GLY C 23 -13.22 0.27 7.97
N ALA C 24 -13.74 -0.21 6.84
CA ALA C 24 -14.82 -1.17 6.84
C ALA C 24 -14.24 -2.55 7.14
N SER C 25 -15.09 -3.46 7.60
CA SER C 25 -14.64 -4.75 8.10
C SER C 25 -14.40 -5.76 6.99
N ASN C 26 -13.59 -6.76 7.30
CA ASN C 26 -13.25 -7.79 6.32
C ASN C 26 -12.57 -7.27 5.06
N ARG C 27 -11.62 -6.37 5.25
CA ARG C 27 -10.76 -5.91 4.16
C ARG C 27 -9.30 -6.09 4.56
N ALA C 28 -8.39 -5.95 3.60
CA ALA C 28 -6.96 -6.11 3.86
C ALA C 28 -6.48 -5.00 4.76
N PHE C 29 -5.57 -5.32 5.68
CA PHE C 29 -4.84 -4.29 6.44
C PHE C 29 -4.13 -3.39 5.42
N VAL C 30 -3.86 -2.15 5.81
CA VAL C 30 -2.96 -1.35 5.02
C VAL C 30 -1.54 -1.66 5.48
N ARG C 31 -0.58 -1.55 4.57
CA ARG C 31 0.82 -1.68 4.97
C ARG C 31 1.52 -0.33 4.99
N TRP C 32 2.36 -0.15 5.99
CA TRP C 32 3.15 1.06 6.09
C TRP C 32 4.54 0.78 5.57
N LEU C 33 4.82 -0.51 5.36
CA LEU C 33 6.10 -0.96 4.82
C LEU C 33 5.90 -2.23 3.99
N PRO C 34 6.69 -2.38 2.91
CA PRO C 34 6.61 -3.62 2.13
C PRO C 34 6.87 -4.83 3.02
N ALA C 35 6.14 -5.92 2.80
CA ALA C 35 6.27 -7.12 3.61
C ALA C 35 7.57 -7.88 3.35
N GLU C 36 8.01 -8.66 4.33
CA GLU C 36 9.27 -9.39 4.23
C GLU C 36 9.10 -10.90 4.42
N TYR C 37 9.17 -11.63 3.31
CA TYR C 37 8.91 -13.05 3.30
C TYR C 37 10.13 -13.80 2.76
N GLU C 38 10.32 -15.01 3.29
CA GLU C 38 11.40 -15.87 2.91
C GLU C 38 11.55 -15.92 1.39
N ASP C 39 10.42 -16.00 0.70
CA ASP C 39 10.43 -16.09 -0.75
C ASP C 39 10.04 -14.76 -1.39
N GLY C 40 9.99 -13.70 -0.60
CA GLY C 40 9.65 -12.40 -1.14
C GLY C 40 8.16 -12.07 -1.19
N PHE C 41 7.30 -13.07 -1.18
CA PHE C 41 5.86 -12.80 -1.34
C PHE C 41 4.91 -13.57 -0.42
N SER C 42 5.39 -14.60 0.26
CA SER C 42 4.46 -15.51 0.94
C SER C 42 4.93 -16.29 2.15
N LEU C 43 6.07 -16.97 2.03
CA LEU C 43 6.54 -17.83 3.10
C LEU C 43 7.18 -17.02 4.24
N PRO C 44 6.86 -17.38 5.48
CA PRO C 44 7.34 -16.63 6.64
C PRO C 44 8.77 -16.99 6.99
N TYR C 45 9.52 -16.01 7.48
CA TYR C 45 10.85 -16.31 7.94
C TYR C 45 10.80 -17.38 9.00
N GLY C 46 11.68 -18.38 8.86
CA GLY C 46 11.71 -19.50 9.78
C GLY C 46 10.99 -20.70 9.20
N TRP C 47 10.42 -20.51 8.02
CA TRP C 47 9.70 -21.59 7.35
C TRP C 47 10.61 -22.72 6.87
N THR C 48 11.68 -22.37 6.15
CA THR C 48 12.56 -23.38 5.57
C THR C 48 13.82 -23.60 6.41
N PRO C 49 14.09 -24.86 6.77
CA PRO C 49 15.27 -25.13 7.58
C PRO C 49 16.55 -24.58 6.93
N GLY C 50 17.26 -23.74 7.67
CA GLY C 50 18.58 -23.29 7.22
C GLY C 50 18.57 -22.00 6.42
N VAL C 51 17.37 -21.55 6.03
CA VAL C 51 17.27 -20.31 5.27
C VAL C 51 17.40 -19.09 6.18
N LYS C 52 18.46 -18.32 5.96
CA LYS C 52 18.78 -17.21 6.82
C LYS C 52 17.97 -15.95 6.49
N ARG C 53 17.75 -15.12 7.50
CA ARG C 53 17.15 -13.81 7.27
C ARG C 53 18.22 -12.74 7.26
N ASN C 54 18.47 -12.16 6.09
CA ASN C 54 19.33 -11.00 6.02
C ASN C 54 20.68 -11.35 6.61
N GLY C 55 21.17 -12.56 6.30
CA GLY C 55 22.50 -12.98 6.70
C GLY C 55 22.63 -13.59 8.09
N PHE C 56 21.50 -13.89 8.71
CA PHE C 56 21.54 -14.50 10.04
C PHE C 56 20.45 -15.54 10.24
N PRO C 57 20.75 -16.58 11.02
CA PRO C 57 19.81 -17.66 11.29
C PRO C 57 18.55 -17.11 11.96
N VAL C 58 17.37 -17.53 11.52
CA VAL C 58 16.14 -17.11 12.18
C VAL C 58 16.06 -17.75 13.57
N ALA C 59 15.77 -16.93 14.57
CA ALA C 59 15.64 -17.41 15.94
C ALA C 59 14.25 -18.01 16.19
N LEU C 60 14.24 -19.24 16.72
CA LEU C 60 13.00 -19.85 17.13
C LEU C 60 12.25 -18.89 18.06
N ALA C 61 10.98 -18.63 17.75
CA ALA C 61 10.20 -17.70 18.56
C ALA C 61 10.18 -18.14 20.03
N ARG C 62 10.10 -19.45 20.24
CA ARG C 62 9.99 -20.00 21.59
C ARG C 62 11.28 -19.82 22.41
N ALA C 63 12.43 -19.80 21.72
CA ALA C 63 13.73 -19.61 22.35
C ALA C 63 13.91 -18.17 22.79
N VAL C 64 13.57 -17.23 21.90
CA VAL C 64 13.59 -15.83 22.27
C VAL C 64 12.74 -15.63 23.52
N SER C 65 11.52 -16.16 23.49
CA SER C 65 10.63 -16.13 24.64
C SER C 65 11.29 -16.77 25.86
N ASN C 66 11.92 -17.92 25.68
CA ASN C 66 12.64 -18.54 26.79
C ASN C 66 13.82 -17.71 27.29
N GLU C 67 14.59 -17.14 26.37
CA GLU C 67 15.87 -16.53 26.75
C GLU C 67 15.75 -15.07 27.17
N ILE C 68 14.72 -14.40 26.67
CA ILE C 68 14.58 -12.97 26.89
C ILE C 68 13.37 -12.60 27.75
N VAL C 69 12.23 -13.23 27.50
CA VAL C 69 10.97 -12.81 28.11
C VAL C 69 10.73 -13.45 29.48
N ARG C 70 11.08 -14.72 29.59
CA ARG C 70 10.90 -15.48 30.83
C ARG C 70 11.54 -14.80 32.02
N PHE C 71 10.78 -14.65 33.10
CA PHE C 71 11.36 -14.22 34.39
C PHE C 71 10.66 -14.92 35.56
N PRO C 72 11.28 -14.88 36.75
CA PRO C 72 10.66 -15.48 37.94
C PRO C 72 9.46 -14.65 38.40
N THR C 73 8.29 -15.29 38.48
CA THR C 73 7.05 -14.59 38.80
C THR C 73 7.15 -13.77 40.09
N ASP C 74 7.91 -14.27 41.05
CA ASP C 74 8.02 -13.61 42.35
C ASP C 74 8.83 -12.31 42.26
N GLN C 75 9.38 -12.02 41.08
CA GLN C 75 10.12 -10.79 40.88
C GLN C 75 9.19 -9.67 40.39
N LEU C 76 7.93 -10.02 40.17
CA LEU C 76 6.99 -9.10 39.53
C LEU C 76 6.90 -7.73 40.23
N THR C 77 6.99 -6.67 39.43
CA THR C 77 6.94 -5.31 39.95
C THR C 77 5.59 -4.71 39.62
N PRO C 78 4.79 -4.43 40.66
CA PRO C 78 3.49 -3.83 40.43
C PRO C 78 3.66 -2.39 39.97
N ASP C 79 2.80 -1.91 39.09
CA ASP C 79 2.90 -0.54 38.61
C ASP C 79 2.25 0.41 39.62
N GLN C 80 3.06 1.25 40.25
CA GLN C 80 2.56 2.18 41.25
C GLN C 80 1.62 3.25 40.69
N GLU C 81 1.69 3.48 39.39
CA GLU C 81 0.87 4.53 38.78
C GLU C 81 -0.14 4.04 37.73
N ARG C 82 -0.37 2.73 37.68
CA ARG C 82 -1.35 2.17 36.75
C ARG C 82 -2.20 1.09 37.40
N SER C 83 -3.51 1.11 37.14
CA SER C 83 -4.38 0.07 37.65
C SER C 83 -4.47 -1.08 36.64
N LEU C 84 -4.95 -2.23 37.10
CA LEU C 84 -5.13 -3.35 36.20
C LEU C 84 -6.17 -2.97 35.14
N MET C 85 -7.04 -2.03 35.49
CA MET C 85 -8.04 -1.50 34.58
C MET C 85 -7.39 -0.87 33.34
N PHE C 86 -6.13 -0.47 33.48
CA PHE C 86 -5.35 0.10 32.37
C PHE C 86 -4.97 -0.99 31.36
N MET C 87 -4.69 -2.18 31.87
CA MET C 87 -4.44 -3.32 31.02
C MET C 87 -5.73 -3.71 30.33
N GLN C 88 -6.82 -3.78 31.10
CA GLN C 88 -8.07 -4.29 30.56
C GLN C 88 -8.64 -3.41 29.44
N TRP C 89 -8.65 -2.11 29.64
CA TRP C 89 -9.16 -1.21 28.60
C TRP C 89 -8.37 -1.37 27.29
N GLY C 90 -7.07 -1.62 27.41
CA GLY C 90 -6.23 -1.86 26.23
C GLY C 90 -6.72 -3.03 25.40
N GLN C 91 -7.10 -4.12 26.07
CA GLN C 91 -7.60 -5.28 25.36
C GLN C 91 -8.97 -4.99 24.79
N LEU C 92 -9.84 -4.39 25.60
CA LEU C 92 -11.17 -4.05 25.13
C LEU C 92 -11.07 -3.15 23.88
N LEU C 93 -10.19 -2.17 23.92
CA LEU C 93 -10.02 -1.25 22.80
C LEU C 93 -9.45 -1.97 21.57
N ASP C 94 -8.39 -2.73 21.79
CA ASP C 94 -7.85 -3.58 20.74
C ASP C 94 -8.98 -4.28 20.00
N HIS C 95 -9.95 -4.78 20.76
CA HIS C 95 -11.03 -5.58 20.20
C HIS C 95 -12.11 -4.71 19.53
N ASP C 96 -11.94 -3.40 19.56
CA ASP C 96 -12.76 -2.49 18.79
C ASP C 96 -12.07 -2.31 17.43
N LEU C 97 -10.75 -2.53 17.43
CA LEU C 97 -9.93 -2.13 16.28
C LEU C 97 -9.57 -3.24 15.28
N ASP C 98 -9.08 -4.37 15.77
CA ASP C 98 -8.70 -5.42 14.84
C ASP C 98 -8.87 -6.84 15.37
N PHE C 99 -9.34 -7.70 14.47
CA PHE C 99 -9.33 -9.13 14.66
C PHE C 99 -8.89 -9.79 13.37
N THR C 100 -7.82 -10.56 13.45
CA THR C 100 -7.23 -11.19 12.28
C THR C 100 -7.66 -12.64 12.21
N PRO C 101 -8.53 -12.97 11.24
CA PRO C 101 -9.04 -14.33 11.21
C PRO C 101 -7.99 -15.33 10.75
N GLU C 102 -8.16 -16.57 11.19
CA GLU C 102 -7.33 -17.67 10.76
C GLU C 102 -8.27 -18.79 10.35
N PRO C 103 -7.73 -19.86 9.76
CA PRO C 103 -8.61 -20.90 9.21
C PRO C 103 -9.68 -21.34 10.19
N VAL D 2 -6.91 -30.01 8.47
CA VAL D 2 -5.78 -29.41 9.25
C VAL D 2 -4.60 -30.40 9.41
N ASN D 3 -4.27 -30.73 10.66
CA ASN D 3 -4.93 -30.13 11.81
C ASN D 3 -3.91 -29.48 12.72
N CYS D 4 -3.90 -28.15 12.69
CA CYS D 4 -2.88 -27.37 13.40
C CYS D 4 -2.93 -27.60 14.90
N GLU D 5 -4.07 -28.06 15.40
CA GLU D 5 -4.21 -28.30 16.83
C GLU D 5 -3.39 -29.51 17.29
N THR D 6 -3.17 -30.46 16.39
CA THR D 6 -2.59 -31.74 16.81
C THR D 6 -1.44 -32.33 15.98
N SER D 7 -1.04 -31.67 14.91
CA SER D 7 0.14 -32.15 14.18
C SER D 7 1.29 -31.15 14.25
N CYS D 8 2.52 -31.64 14.10
CA CYS D 8 3.69 -30.78 14.12
C CYS D 8 4.32 -30.70 12.73
N VAL D 9 3.64 -31.33 11.76
CA VAL D 9 4.02 -31.20 10.37
C VAL D 9 3.78 -29.77 9.91
N GLN D 10 4.81 -29.13 9.36
CA GLN D 10 4.64 -27.83 8.74
C GLN D 10 3.94 -27.97 7.39
N GLN D 11 2.61 -27.89 7.40
CA GLN D 11 1.80 -28.03 6.20
C GLN D 11 0.77 -26.93 6.24
N PRO D 12 0.68 -26.12 5.17
CA PRO D 12 -0.25 -24.98 5.19
C PRO D 12 -1.66 -25.45 5.51
N PRO D 13 -2.41 -24.69 6.32
CA PRO D 13 -2.03 -23.39 6.89
C PRO D 13 -1.27 -23.47 8.21
N CYS D 14 -0.77 -24.64 8.57
CA CYS D 14 -0.11 -24.80 9.87
C CYS D 14 1.32 -24.30 9.84
N PHE D 15 1.72 -23.63 10.91
CA PHE D 15 3.05 -23.09 11.01
C PHE D 15 3.53 -23.22 12.46
N PRO D 16 3.52 -24.45 12.99
CA PRO D 16 3.77 -24.71 14.41
C PRO D 16 5.12 -24.18 14.88
N LEU D 17 5.21 -23.80 16.14
CA LEU D 17 6.46 -23.35 16.72
C LEU D 17 7.26 -24.55 17.23
N LYS D 18 8.44 -24.76 16.67
CA LYS D 18 9.32 -25.83 17.13
C LYS D 18 9.92 -25.49 18.49
N ILE D 19 10.36 -26.52 19.20
CA ILE D 19 10.81 -26.43 20.58
C ILE D 19 12.34 -26.46 20.67
N PRO D 20 12.94 -25.46 21.32
CA PRO D 20 14.39 -25.43 21.43
C PRO D 20 14.91 -26.49 22.39
N PRO D 21 16.16 -26.93 22.20
CA PRO D 21 16.76 -27.91 23.11
C PRO D 21 16.71 -27.39 24.54
N ASN D 22 16.51 -28.29 25.50
CA ASN D 22 16.47 -27.94 26.91
C ASN D 22 15.42 -26.88 27.26
N ASP D 23 14.29 -26.90 26.57
CA ASP D 23 13.17 -26.06 26.94
C ASP D 23 12.83 -26.33 28.41
N PRO D 24 12.44 -25.29 29.16
CA PRO D 24 12.15 -25.46 30.58
C PRO D 24 10.83 -26.16 30.85
N ARG D 25 9.91 -26.16 29.88
CA ARG D 25 8.61 -26.81 30.08
C ARG D 25 8.40 -28.07 29.23
N ILE D 26 8.59 -27.95 27.92
CA ILE D 26 8.23 -29.01 26.99
C ILE D 26 9.43 -29.92 26.72
N LYS D 27 9.39 -31.13 27.30
CA LYS D 27 10.55 -32.01 27.27
C LYS D 27 10.56 -32.87 26.03
N ASN D 28 9.42 -32.94 25.37
CA ASN D 28 9.29 -33.72 24.15
C ASN D 28 9.77 -32.95 22.92
N GLN D 29 10.98 -33.26 22.47
CA GLN D 29 11.57 -32.55 21.35
C GLN D 29 10.82 -32.78 20.02
N ALA D 30 9.97 -33.80 19.98
CA ALA D 30 9.15 -34.07 18.80
C ALA D 30 7.79 -33.36 18.86
N ASP D 31 7.48 -32.76 20.00
CA ASP D 31 6.25 -31.99 20.15
C ASP D 31 6.44 -30.57 19.62
N CYS D 32 5.41 -29.73 19.76
CA CYS D 32 5.46 -28.36 19.24
C CYS D 32 4.27 -27.52 19.74
N ILE D 33 4.38 -26.20 19.61
CA ILE D 33 3.27 -25.31 19.96
C ILE D 33 2.43 -24.99 18.73
N PRO D 34 1.15 -25.35 18.76
CA PRO D 34 0.28 -25.21 17.58
C PRO D 34 0.21 -23.77 17.09
N PHE D 35 -0.10 -23.59 15.80
CA PHE D 35 -0.15 -22.26 15.24
C PHE D 35 -0.72 -22.30 13.81
N PHE D 36 -1.68 -21.41 13.54
CA PHE D 36 -2.35 -21.34 12.25
C PHE D 36 -1.97 -20.04 11.58
N ARG D 37 -1.44 -20.10 10.36
CA ARG D 37 -1.21 -18.88 9.61
C ARG D 37 -2.52 -18.09 9.44
N SER D 38 -2.44 -16.77 9.54
CA SER D 38 -3.59 -15.90 9.31
C SER D 38 -4.12 -16.05 7.89
N CSO D 39 -5.40 -15.94 7.68
CA CSO D 39 -5.98 -16.03 6.37
CB CSO D 39 -7.48 -15.76 6.49
SG CSO D 39 -8.46 -16.86 7.42
C CSO D 39 -5.42 -14.97 5.46
O CSO D 39 -5.36 -13.84 5.90
OD CSO D 39 -8.50 -18.37 6.64
N PRO D 40 -4.97 -15.32 4.25
CA PRO D 40 -4.47 -14.42 3.21
C PRO D 40 -5.60 -13.59 2.62
N ALA D 41 -5.31 -12.35 2.28
CA ALA D 41 -6.29 -11.48 1.66
C ALA D 41 -6.59 -11.96 0.25
N CYS D 42 -5.56 -12.47 -0.43
CA CYS D 42 -5.71 -13.06 -1.76
C CYS D 42 -5.20 -14.49 -1.79
N PRO D 43 -6.06 -15.45 -1.41
CA PRO D 43 -5.68 -16.87 -1.30
C PRO D 43 -5.12 -17.43 -2.61
N GLY D 44 -4.01 -18.13 -2.53
CA GLY D 44 -3.40 -18.74 -3.70
C GLY D 44 -2.43 -17.86 -4.48
N SER D 45 -2.79 -16.59 -4.67
CA SER D 45 -2.01 -15.70 -5.55
C SER D 45 -0.48 -15.79 -5.43
N ASN D 46 0.17 -15.76 -6.59
CA ASN D 46 1.61 -15.65 -6.63
C ASN D 46 1.98 -14.37 -7.34
N ILE D 47 1.20 -13.32 -7.09
CA ILE D 47 1.35 -12.05 -7.77
C ILE D 47 1.31 -10.91 -6.78
N THR D 48 0.43 -11.03 -5.80
CA THR D 48 0.31 -10.04 -4.76
C THR D 48 1.11 -10.51 -3.57
N ILE D 49 1.87 -9.60 -2.98
CA ILE D 49 2.62 -9.94 -1.79
C ILE D 49 1.63 -10.27 -0.68
N ARG D 50 1.68 -11.48 -0.16
CA ARG D 50 0.71 -11.95 0.83
C ARG D 50 0.41 -10.89 1.89
N ASN D 51 -0.88 -10.71 2.18
CA ASN D 51 -1.31 -9.78 3.22
C ASN D 51 -2.44 -10.43 4.03
N GLN D 52 -2.81 -9.79 5.13
CA GLN D 52 -3.82 -10.35 6.05
C GLN D 52 -5.11 -9.52 6.12
N ILE D 53 -6.10 -10.03 6.85
CA ILE D 53 -7.46 -9.47 6.90
C ILE D 53 -7.88 -8.94 8.29
N ASN D 54 -8.55 -7.80 8.30
CA ASN D 54 -9.19 -7.31 9.52
C ASN D 54 -10.71 -7.54 9.47
N ALA D 55 -11.22 -8.37 10.38
CA ALA D 55 -12.65 -8.66 10.45
C ALA D 55 -13.47 -7.53 11.07
N LEU D 56 -12.80 -6.55 11.67
CA LEU D 56 -13.51 -5.52 12.44
C LEU D 56 -13.44 -4.17 11.74
N THR D 57 -14.33 -3.24 12.13
CA THR D 57 -14.20 -1.86 11.67
C THR D 57 -13.03 -1.22 12.40
N SER D 58 -12.18 -0.49 11.67
CA SER D 58 -11.01 0.13 12.29
C SER D 58 -11.41 1.24 13.24
N PHE D 59 -12.51 1.93 12.94
CA PHE D 59 -12.92 3.09 13.71
C PHE D 59 -13.18 2.73 15.16
N VAL D 60 -12.96 3.71 16.05
CA VAL D 60 -13.30 3.57 17.45
C VAL D 60 -14.79 3.84 17.57
N ASP D 61 -15.59 2.83 17.30
CA ASP D 61 -17.04 2.99 17.23
C ASP D 61 -17.73 1.94 18.09
N ALA D 62 -17.02 1.39 19.07
CA ALA D 62 -17.59 0.36 19.94
C ALA D 62 -18.14 -0.83 19.15
N SER D 63 -17.47 -1.19 18.06
CA SER D 63 -17.89 -2.37 17.30
C SER D 63 -17.80 -3.67 18.10
N MET D 64 -17.00 -3.69 19.16
CA MET D 64 -16.95 -4.87 20.02
C MET D 64 -18.24 -5.00 20.83
N VAL D 65 -19.03 -3.92 20.85
CA VAL D 65 -20.34 -3.98 21.48
C VAL D 65 -21.39 -4.30 20.44
N TYR D 66 -21.35 -3.62 19.30
CA TYR D 66 -22.44 -3.72 18.34
C TYR D 66 -22.21 -4.68 17.17
N GLY D 67 -20.97 -5.13 16.99
CA GLY D 67 -20.63 -6.04 15.90
C GLY D 67 -20.16 -5.28 14.67
N SER D 68 -19.51 -6.00 13.75
CA SER D 68 -18.97 -5.39 12.53
C SER D 68 -19.63 -5.89 11.27
N GLU D 69 -20.66 -6.72 11.45
CA GLU D 69 -21.38 -7.33 10.32
C GLU D 69 -22.87 -7.31 10.57
N GLU D 70 -23.66 -7.03 9.53
CA GLU D 70 -25.11 -6.82 9.66
C GLU D 70 -25.90 -7.90 10.41
N PRO D 71 -25.69 -9.18 10.03
CA PRO D 71 -26.45 -10.28 10.64
C PRO D 71 -26.18 -10.41 12.13
N LEU D 72 -24.91 -10.42 12.51
CA LEU D 72 -24.54 -10.45 13.92
C LEU D 72 -25.17 -9.27 14.67
N ALA D 73 -25.12 -8.10 14.06
CA ALA D 73 -25.59 -6.87 14.70
C ALA D 73 -27.09 -6.91 14.95
N ARG D 74 -27.80 -7.68 14.12
CA ARG D 74 -29.23 -7.87 14.33
C ARG D 74 -29.49 -8.86 15.47
N ASN D 75 -28.80 -10.00 15.44
CA ASN D 75 -28.89 -10.97 16.50
C ASN D 75 -28.57 -10.39 17.87
N LEU D 76 -27.73 -9.36 17.90
CA LEU D 76 -27.39 -8.73 19.17
C LEU D 76 -28.50 -7.80 19.64
N ARG D 77 -29.38 -7.41 18.74
CA ARG D 77 -30.46 -6.51 19.10
C ARG D 77 -31.67 -7.23 19.69
N ASN D 78 -32.31 -6.59 20.66
CA ASN D 78 -33.56 -7.07 21.19
C ASN D 78 -34.66 -6.50 20.31
N MET D 79 -35.28 -7.35 19.50
CA MET D 79 -36.29 -6.86 18.56
C MET D 79 -37.72 -7.34 18.84
N SER D 80 -37.98 -7.72 20.08
CA SER D 80 -39.33 -8.10 20.50
C SER D 80 -40.21 -6.87 20.68
N ASN D 81 -39.59 -5.69 20.61
CA ASN D 81 -40.27 -4.45 20.94
C ASN D 81 -39.57 -3.28 20.28
N GLN D 82 -40.06 -2.07 20.54
CA GLN D 82 -39.56 -0.86 19.91
C GLN D 82 -38.72 -0.03 20.86
N LEU D 83 -37.98 -0.69 21.75
CA LEU D 83 -37.17 0.01 22.75
C LEU D 83 -35.70 0.16 22.38
N GLY D 84 -35.29 -0.47 21.28
CA GLY D 84 -33.92 -0.33 20.78
C GLY D 84 -32.87 -0.82 21.76
N LEU D 85 -33.19 -1.91 22.45
CA LEU D 85 -32.31 -2.47 23.46
C LEU D 85 -31.39 -3.52 22.83
N LEU D 86 -30.31 -3.85 23.55
CA LEU D 86 -29.48 -4.99 23.18
C LEU D 86 -30.00 -6.23 23.91
N ALA D 87 -30.09 -7.36 23.21
CA ALA D 87 -30.49 -8.61 23.82
C ALA D 87 -29.65 -8.90 25.07
N VAL D 88 -30.31 -9.40 26.12
CA VAL D 88 -29.62 -9.82 27.34
C VAL D 88 -29.88 -11.29 27.65
N ASN D 89 -29.10 -11.85 28.56
CA ASN D 89 -29.21 -13.27 28.89
C ASN D 89 -30.59 -13.58 29.47
N GLN D 90 -31.16 -14.70 29.08
CA GLN D 90 -32.49 -15.08 29.54
C GLN D 90 -32.41 -16.06 30.69
N ARG D 91 -31.25 -16.69 30.87
CA ARG D 91 -31.09 -17.72 31.88
C ARG D 91 -30.58 -17.21 33.22
N PHE D 92 -29.70 -16.21 33.19
CA PHE D 92 -29.10 -15.72 34.43
C PHE D 92 -29.07 -14.20 34.51
N GLN D 93 -28.98 -13.72 35.75
CA GLN D 93 -28.80 -12.30 36.00
C GLN D 93 -27.71 -12.12 37.05
N ASP D 94 -27.18 -10.90 37.14
CA ASP D 94 -26.11 -10.60 38.06
C ASP D 94 -26.67 -9.70 39.17
N ASN D 95 -26.94 -10.30 40.33
CA ASN D 95 -27.69 -9.59 41.36
C ASN D 95 -28.73 -8.70 40.69
N GLY D 96 -29.49 -9.29 39.77
CA GLY D 96 -30.60 -8.59 39.12
C GLY D 96 -30.23 -7.66 37.97
N ARG D 97 -28.97 -7.73 37.54
CA ARG D 97 -28.53 -6.95 36.38
C ARG D 97 -28.25 -7.85 35.18
N ALA D 98 -28.34 -7.26 33.99
CA ALA D 98 -28.20 -8.00 32.75
C ALA D 98 -26.83 -8.67 32.61
N LEU D 99 -26.82 -9.84 31.99
CA LEU D 99 -25.58 -10.46 31.55
C LEU D 99 -25.63 -10.64 30.03
N LEU D 100 -24.47 -10.78 29.41
CA LEU D 100 -24.41 -10.99 27.97
C LEU D 100 -25.17 -12.27 27.61
N PRO D 101 -25.84 -12.28 26.46
CA PRO D 101 -26.47 -13.52 26.06
C PRO D 101 -25.41 -14.59 25.86
N PHE D 102 -25.79 -15.85 25.98
CA PHE D 102 -24.93 -16.95 25.62
C PHE D 102 -24.87 -17.07 24.10
N ASP D 103 -23.73 -17.49 23.59
CA ASP D 103 -23.59 -17.78 22.17
C ASP D 103 -23.94 -19.23 21.90
N ASN D 104 -23.91 -19.62 20.63
CA ASN D 104 -24.27 -20.96 20.23
C ASN D 104 -23.17 -21.60 19.41
N LEU D 105 -21.98 -21.70 20.00
CA LEU D 105 -20.80 -22.16 19.28
C LEU D 105 -20.87 -23.65 18.90
N HIS D 106 -20.23 -23.99 17.79
CA HIS D 106 -20.12 -25.38 17.35
C HIS D 106 -19.12 -26.10 18.24
N ASP D 107 -17.94 -25.51 18.38
CA ASP D 107 -16.92 -25.98 19.30
C ASP D 107 -16.68 -24.92 20.37
N ASP D 108 -17.19 -25.15 21.57
CA ASP D 108 -17.19 -24.13 22.59
C ASP D 108 -16.13 -24.39 23.67
N PRO D 109 -15.14 -23.49 23.79
CA PRO D 109 -14.03 -23.63 24.73
C PRO D 109 -14.42 -23.34 26.19
N CYS D 110 -15.32 -22.37 26.39
CA CYS D 110 -15.79 -22.04 27.74
C CYS D 110 -16.31 -23.27 28.49
N LEU D 111 -17.05 -24.13 27.79
CA LEU D 111 -17.59 -25.33 28.43
C LEU D 111 -16.48 -26.16 29.05
N LEU D 112 -15.31 -26.12 28.44
CA LEU D 112 -14.18 -26.95 28.86
C LEU D 112 -13.59 -26.53 30.20
N THR D 113 -13.77 -25.27 30.58
CA THR D 113 -13.14 -24.77 31.81
C THR D 113 -13.81 -25.27 33.10
N ASN D 114 -15.02 -25.79 32.97
CA ASN D 114 -15.70 -26.42 34.12
C ASN D 114 -16.77 -27.43 33.70
N ARG D 115 -16.37 -28.70 33.65
CA ARG D 115 -17.21 -29.80 33.17
C ARG D 115 -18.62 -29.71 33.73
N SER D 116 -18.73 -29.72 35.05
CA SER D 116 -20.04 -29.78 35.70
C SER D 116 -20.85 -28.50 35.47
N ALA D 117 -20.18 -27.36 35.35
CA ALA D 117 -20.90 -26.09 35.22
C ALA D 117 -21.64 -25.96 33.89
N ARG D 118 -21.04 -26.43 32.81
CA ARG D 118 -21.69 -26.38 31.51
C ARG D 118 -22.17 -24.97 31.21
N ILE D 119 -21.30 -23.99 31.40
CA ILE D 119 -21.63 -22.61 31.04
C ILE D 119 -20.88 -22.22 29.77
N PRO D 120 -21.63 -21.86 28.71
CA PRO D 120 -21.04 -21.58 27.40
C PRO D 120 -20.48 -20.14 27.28
N CYS D 121 -19.71 -19.90 26.22
CA CYS D 121 -19.18 -18.57 25.96
C CYS D 121 -20.28 -17.57 25.69
N PHE D 122 -19.95 -16.29 25.91
CA PHE D 122 -20.92 -15.23 25.74
C PHE D 122 -20.97 -14.78 24.30
N LEU D 123 -22.01 -14.02 23.97
CA LEU D 123 -22.19 -13.50 22.63
C LEU D 123 -22.12 -11.98 22.73
N ALA D 124 -21.27 -11.37 21.91
CA ALA D 124 -21.01 -9.94 21.97
C ALA D 124 -20.65 -9.40 20.59
N GLY D 125 -20.22 -8.14 20.53
CA GLY D 125 -19.86 -7.51 19.26
C GLY D 125 -18.65 -8.19 18.65
N ASP D 126 -17.69 -8.51 19.49
CA ASP D 126 -16.50 -9.22 19.08
C ASP D 126 -16.52 -10.63 19.68
N THR D 127 -15.98 -11.59 18.94
CA THR D 127 -16.03 -12.99 19.35
C THR D 127 -15.09 -13.40 20.48
N ARG D 128 -14.29 -12.47 20.98
CA ARG D 128 -13.28 -12.78 22.00
C ARG D 128 -13.78 -12.39 23.40
N SER D 129 -15.06 -12.07 23.51
CA SER D 129 -15.60 -11.52 24.74
C SER D 129 -15.40 -12.41 25.99
N SER D 130 -15.35 -13.73 25.80
CA SER D 130 -15.21 -14.64 26.94
C SER D 130 -13.76 -15.02 27.26
N GLU D 131 -12.80 -14.41 26.56
CA GLU D 131 -11.40 -14.80 26.66
C GLU D 131 -10.84 -14.73 28.09
N MET D 132 -11.26 -13.72 28.84
CA MET D 132 -10.99 -13.64 30.27
C MET D 132 -12.13 -12.87 30.97
N PRO D 133 -12.50 -13.29 32.18
CA PRO D 133 -13.67 -12.69 32.82
C PRO D 133 -13.55 -11.16 32.99
N GLU D 134 -12.32 -10.65 33.03
CA GLU D 134 -12.15 -9.22 33.16
C GLU D 134 -12.60 -8.51 31.88
N LEU D 135 -12.28 -9.11 30.74
CA LEU D 135 -12.77 -8.61 29.46
C LEU D 135 -14.29 -8.75 29.39
N THR D 136 -14.78 -9.90 29.83
CA THR D 136 -16.22 -10.17 29.81
C THR D 136 -16.97 -9.12 30.63
N SER D 137 -16.39 -8.76 31.76
CA SER D 137 -17.00 -7.76 32.62
C SER D 137 -17.15 -6.41 31.94
N MET D 138 -16.14 -6.04 31.15
CA MET D 138 -16.14 -4.77 30.43
C MET D 138 -17.23 -4.76 29.35
N HIS D 139 -17.33 -5.84 28.59
CA HIS D 139 -18.39 -5.99 27.59
C HIS D 139 -19.76 -5.84 28.26
N THR D 140 -19.94 -6.54 29.38
CA THR D 140 -21.22 -6.54 30.05
C THR D 140 -21.54 -5.13 30.51
N LEU D 141 -20.54 -4.48 31.10
CA LEU D 141 -20.68 -3.08 31.49
C LEU D 141 -21.27 -2.25 30.36
N LEU D 142 -20.71 -2.40 29.17
CA LEU D 142 -21.10 -1.55 28.04
C LEU D 142 -22.48 -1.94 27.52
N LEU D 143 -22.82 -3.21 27.70
CA LEU D 143 -24.14 -3.70 27.32
C LEU D 143 -25.22 -2.99 28.15
N ARG D 144 -25.02 -2.91 29.45
CA ARG D 144 -26.02 -2.29 30.32
C ARG D 144 -26.11 -0.79 30.05
N GLU D 145 -24.95 -0.18 29.84
CA GLU D 145 -24.88 1.26 29.62
C GLU D 145 -25.70 1.66 28.38
N HIS D 146 -25.55 0.88 27.30
CA HIS D 146 -26.37 1.11 26.11
C HIS D 146 -27.84 1.03 26.46
N ASN D 147 -28.21 -0.02 27.17
CA ASN D 147 -29.61 -0.20 27.56
C ASN D 147 -30.07 0.91 28.48
N ARG D 148 -29.20 1.31 29.41
CA ARG D 148 -29.53 2.44 30.28
C ARG D 148 -29.82 3.70 29.48
N LEU D 149 -29.00 3.95 28.45
CA LEU D 149 -29.17 5.15 27.62
C LEU D 149 -30.45 5.09 26.77
N ALA D 150 -30.66 3.98 26.06
CA ALA D 150 -31.86 3.83 25.26
C ALA D 150 -33.09 4.03 26.13
N THR D 151 -33.07 3.41 27.31
CA THR D 151 -34.18 3.51 28.25
C THR D 151 -34.45 4.97 28.63
N GLU D 152 -33.39 5.71 28.91
CA GLU D 152 -33.52 7.09 29.32
C GLU D 152 -33.89 7.99 28.14
N LEU D 153 -33.49 7.60 26.94
CA LEU D 153 -33.85 8.33 25.72
C LEU D 153 -35.33 8.17 25.40
N LYS D 154 -35.86 6.99 25.71
CA LYS D 154 -37.27 6.67 25.56
C LYS D 154 -38.15 7.60 26.40
N SER D 155 -37.72 7.90 27.62
CA SER D 155 -38.46 8.81 28.48
C SER D 155 -38.42 10.21 27.92
N LEU D 156 -37.25 10.63 27.44
CA LEU D 156 -37.10 11.96 26.89
C LEU D 156 -37.92 12.07 25.62
N ASN D 157 -37.86 11.03 24.79
CA ASN D 157 -38.52 11.04 23.50
C ASN D 157 -39.42 9.82 23.27
N PRO D 158 -40.64 9.89 23.80
CA PRO D 158 -41.58 8.77 23.73
C PRO D 158 -41.93 8.35 22.30
N ARG D 159 -41.80 9.25 21.35
CA ARG D 159 -42.23 8.97 19.98
C ARG D 159 -41.17 8.24 19.15
N TRP D 160 -39.93 8.25 19.63
CA TRP D 160 -38.83 7.54 18.95
C TRP D 160 -39.07 6.03 18.89
N ASP D 161 -38.89 5.45 17.71
CA ASP D 161 -39.07 4.00 17.56
C ASP D 161 -37.76 3.25 17.89
N GLY D 162 -37.81 1.93 17.80
CA GLY D 162 -36.68 1.11 18.20
C GLY D 162 -35.41 1.48 17.48
N GLU D 163 -35.49 1.57 16.16
CA GLU D 163 -34.30 1.88 15.37
C GLU D 163 -33.66 3.18 15.85
N ARG D 164 -34.48 4.20 16.05
CA ARG D 164 -34.00 5.50 16.49
C ARG D 164 -33.27 5.43 17.83
N LEU D 165 -33.88 4.74 18.80
CA LEU D 165 -33.31 4.65 20.15
C LEU D 165 -32.01 3.87 20.14
N TYR D 166 -31.97 2.81 19.33
CA TYR D 166 -30.79 1.99 19.18
C TYR D 166 -29.63 2.81 18.65
N GLN D 167 -29.83 3.42 17.48
CA GLN D 167 -28.81 4.22 16.83
C GLN D 167 -28.33 5.34 17.74
N GLU D 168 -29.28 6.02 18.39
CA GLU D 168 -28.92 7.17 19.23
C GLU D 168 -28.09 6.74 20.43
N ALA D 169 -28.44 5.61 21.02
CA ALA D 169 -27.71 5.09 22.17
C ALA D 169 -26.36 4.54 21.72
N ARG D 170 -26.35 3.89 20.56
CA ARG D 170 -25.12 3.33 20.01
C ARG D 170 -24.10 4.44 19.73
N LYS D 171 -24.60 5.57 19.26
CA LYS D 171 -23.78 6.73 18.97
C LYS D 171 -23.15 7.28 20.24
N ILE D 172 -23.93 7.33 21.32
CA ILE D 172 -23.38 7.80 22.59
C ILE D 172 -22.27 6.86 23.09
N VAL D 173 -22.56 5.56 23.12
CA VAL D 173 -21.57 4.58 23.56
C VAL D 173 -20.26 4.69 22.78
N GLY D 174 -20.38 4.83 21.46
CA GLY D 174 -19.22 5.02 20.59
C GLY D 174 -18.42 6.26 20.97
N ALA D 175 -19.12 7.33 21.32
CA ALA D 175 -18.46 8.57 21.71
C ALA D 175 -17.71 8.43 23.05
N MET D 176 -18.32 7.73 24.00
CA MET D 176 -17.71 7.45 25.29
C MET D 176 -16.38 6.69 25.12
N VAL D 177 -16.42 5.58 24.38
CA VAL D 177 -15.21 4.83 24.04
C VAL D 177 -14.12 5.74 23.46
N GLN D 178 -14.52 6.60 22.53
CA GLN D 178 -13.57 7.54 21.95
C GLN D 178 -12.98 8.47 23.01
N ILE D 179 -13.84 8.98 23.88
CA ILE D 179 -13.42 9.96 24.87
C ILE D 179 -12.52 9.34 25.93
N ILE D 180 -12.96 8.22 26.50
CA ILE D 180 -12.15 7.51 27.47
C ILE D 180 -10.79 7.16 26.87
N THR D 181 -10.79 6.78 25.60
CA THR D 181 -9.57 6.33 24.95
C THR D 181 -8.61 7.48 24.70
N TYR D 182 -9.11 8.54 24.08
CA TYR D 182 -8.24 9.64 23.69
C TYR D 182 -7.98 10.60 24.83
N ARG D 183 -8.95 10.77 25.72
CA ARG D 183 -8.74 11.66 26.87
C ARG D 183 -7.98 11.01 28.03
N ASP D 184 -8.36 9.80 28.39
CA ASP D 184 -7.85 9.19 29.63
C ASP D 184 -6.79 8.12 29.39
N TYR D 185 -6.92 7.35 28.33
CA TYR D 185 -6.07 6.17 28.09
C TYR D 185 -4.77 6.47 27.34
N LEU D 186 -4.88 6.96 26.11
CA LEU D 186 -3.69 7.19 25.29
C LEU D 186 -2.61 8.03 25.97
N PRO D 187 -3.02 9.12 26.66
CA PRO D 187 -1.97 9.92 27.26
C PRO D 187 -1.07 9.11 28.19
N LEU D 188 -1.64 8.11 28.85
CA LEU D 188 -0.89 7.31 29.81
C LEU D 188 -0.13 6.18 29.14
N VAL D 189 -0.54 5.83 27.92
CA VAL D 189 0.24 4.90 27.10
C VAL D 189 1.49 5.58 26.52
N LEU D 190 1.30 6.70 25.84
CA LEU D 190 2.36 7.37 25.09
C LEU D 190 3.27 8.28 25.92
N GLY D 191 2.74 8.88 26.99
CA GLY D 191 3.46 9.91 27.73
C GLY D 191 3.18 11.26 27.09
N PRO D 192 3.36 12.36 27.83
CA PRO D 192 2.95 13.68 27.32
C PRO D 192 3.69 14.11 26.05
N THR D 193 4.98 13.81 25.97
CA THR D 193 5.73 14.19 24.80
C THR D 193 5.13 13.60 23.52
N ALA D 194 4.96 12.28 23.48
CA ALA D 194 4.45 11.64 22.25
C ALA D 194 2.98 11.96 22.01
N MET D 195 2.25 12.23 23.09
CA MET D 195 0.85 12.63 22.97
C MET D 195 0.76 13.88 22.11
N ARG D 196 1.62 14.86 22.39
CA ARG D 196 1.67 16.10 21.61
C ARG D 196 2.19 15.88 20.19
N LYS D 197 3.24 15.08 20.06
CA LYS D 197 3.82 14.80 18.75
C LYS D 197 2.85 14.08 17.81
N TYR D 198 2.23 12.99 18.27
CA TYR D 198 1.41 12.15 17.39
C TYR D 198 -0.09 12.44 17.41
N LEU D 199 -0.55 13.12 18.46
CA LEU D 199 -1.96 13.46 18.59
C LEU D 199 -2.16 14.94 18.90
N PRO D 200 -1.69 15.82 18.02
CA PRO D 200 -1.96 17.24 18.27
C PRO D 200 -3.47 17.51 18.35
N THR D 201 -3.83 18.69 18.84
CA THR D 201 -5.23 19.06 19.01
C THR D 201 -6.06 18.84 17.76
N TYR D 202 -7.20 18.20 17.92
CA TYR D 202 -8.10 17.89 16.81
C TYR D 202 -8.53 19.17 16.10
N ARG D 203 -8.58 19.12 14.77
CA ARG D 203 -9.09 20.25 14.00
C ARG D 203 -10.45 19.84 13.46
N SER D 204 -10.47 18.97 12.45
CA SER D 204 -11.72 18.36 12.06
C SER D 204 -11.53 17.24 11.04
N TYR D 205 -12.63 16.61 10.62
CA TYR D 205 -12.53 15.45 9.74
C TYR D 205 -11.75 15.78 8.46
N ASN D 206 -10.80 14.92 8.14
CA ASN D 206 -10.00 15.05 6.93
C ASN D 206 -10.18 13.77 6.12
N ASP D 207 -10.88 13.89 4.99
CA ASP D 207 -11.28 12.72 4.22
C ASP D 207 -10.16 12.11 3.37
N SER D 208 -8.96 12.65 3.50
CA SER D 208 -7.78 12.08 2.81
C SER D 208 -6.88 11.31 3.77
N VAL D 209 -7.33 11.18 5.02
CA VAL D 209 -6.59 10.43 6.03
C VAL D 209 -7.10 9.00 6.05
N ASP D 210 -6.22 8.06 5.73
CA ASP D 210 -6.55 6.64 5.65
C ASP D 210 -6.77 6.06 7.05
N PRO D 211 -8.01 5.64 7.36
CA PRO D 211 -8.35 5.13 8.70
C PRO D 211 -8.13 3.63 8.91
N ARG D 212 -7.62 2.93 7.90
CA ARG D 212 -7.43 1.50 8.07
C ARG D 212 -6.42 1.20 9.16
N ILE D 213 -6.55 0.06 9.82
CA ILE D 213 -5.50 -0.42 10.72
C ILE D 213 -4.28 -0.90 9.91
N ALA D 214 -3.09 -0.55 10.37
CA ALA D 214 -1.87 -0.98 9.69
C ALA D 214 -1.45 -2.34 10.22
N ASN D 215 -1.07 -3.23 9.32
CA ASN D 215 -0.66 -4.57 9.69
C ASN D 215 0.23 -4.59 10.93
N VAL D 216 1.23 -3.72 10.96
CA VAL D 216 2.18 -3.72 12.07
C VAL D 216 1.50 -3.39 13.39
N PHE D 217 0.37 -2.70 13.33
CA PHE D 217 -0.35 -2.31 14.55
C PHE D 217 -0.96 -3.50 15.30
N THR D 218 -1.51 -4.46 14.56
CA THR D 218 -2.08 -5.63 15.20
C THR D 218 -1.01 -6.34 16.04
N ASN D 219 0.26 -6.08 15.74
CA ASN D 219 1.33 -6.74 16.49
C ASN D 219 1.89 -5.84 17.59
N ALA D 220 2.08 -4.56 17.27
CA ALA D 220 2.69 -3.63 18.18
C ALA D 220 1.80 -3.28 19.38
N PHE D 221 0.48 -3.31 19.17
CA PHE D 221 -0.42 -2.94 20.25
C PHE D 221 -0.50 -4.06 21.29
N ARG D 222 0.12 -5.19 20.95
CA ARG D 222 0.25 -6.30 21.89
C ARG D 222 1.22 -5.96 23.02
N TYR D 223 1.77 -4.75 23.02
CA TYR D 223 2.59 -4.31 24.14
C TYR D 223 1.85 -4.61 25.43
N GLY D 224 0.52 -4.43 25.38
CA GLY D 224 -0.37 -4.71 26.49
C GLY D 224 -0.05 -6.00 27.23
N HIS D 225 0.37 -7.00 26.52
CA HIS D 225 0.70 -8.31 27.14
C HIS D 225 1.73 -8.12 28.27
N THR D 226 2.56 -7.09 28.23
CA THR D 226 3.54 -6.85 29.30
C THR D 226 2.91 -6.30 30.58
N LEU D 227 1.64 -5.92 30.51
CA LEU D 227 0.93 -5.32 31.63
C LEU D 227 0.11 -6.36 32.43
N ILE D 228 0.10 -7.59 31.95
CA ILE D 228 -0.77 -8.61 32.50
C ILE D 228 -0.27 -9.21 33.82
N GLN D 229 -1.15 -9.24 34.82
CA GLN D 229 -0.85 -9.85 36.11
C GLN D 229 -1.21 -11.32 36.01
N PRO D 230 -0.52 -12.18 36.78
CA PRO D 230 -0.72 -13.64 36.71
C PRO D 230 -1.98 -14.14 37.43
N PHE D 231 -2.76 -13.26 38.03
CA PHE D 231 -4.01 -13.66 38.67
C PHE D 231 -5.19 -12.80 38.21
N MET D 232 -6.40 -13.29 38.46
CA MET D 232 -7.57 -12.44 38.42
C MET D 232 -7.89 -12.09 39.86
N PHE D 233 -7.98 -10.79 40.14
CA PHE D 233 -8.24 -10.33 41.50
C PHE D 233 -9.71 -9.99 41.68
N ARG D 234 -10.35 -10.60 42.68
CA ARG D 234 -11.74 -10.31 42.98
C ARG D 234 -11.91 -9.79 44.40
N LEU D 235 -12.43 -8.57 44.51
CA LEU D 235 -12.58 -7.92 45.80
C LEU D 235 -14.07 -7.73 46.12
N ASP D 236 -14.37 -7.46 47.39
CA ASP D 236 -15.75 -7.31 47.81
C ASP D 236 -16.12 -5.84 48.01
N ASN D 237 -17.35 -5.61 48.44
CA ASN D 237 -17.85 -4.25 48.66
C ASN D 237 -16.93 -3.42 49.55
N ARG D 238 -16.09 -4.10 50.35
CA ARG D 238 -15.16 -3.40 51.24
C ARG D 238 -13.82 -3.24 50.56
N TYR D 239 -13.72 -3.78 49.35
CA TYR D 239 -12.47 -3.83 48.60
C TYR D 239 -11.46 -4.74 49.26
N GLN D 240 -11.97 -5.72 50.02
CA GLN D 240 -11.14 -6.74 50.62
C GLN D 240 -11.21 -8.00 49.77
N PRO D 241 -10.13 -8.81 49.79
CA PRO D 241 -10.11 -10.07 49.04
C PRO D 241 -11.48 -10.75 49.17
N MET D 242 -12.02 -11.26 48.07
CA MET D 242 -13.36 -11.85 48.13
C MET D 242 -13.42 -13.36 47.92
N GLU D 243 -13.85 -14.08 48.97
CA GLU D 243 -14.02 -15.53 48.88
C GLU D 243 -15.23 -15.86 48.01
N PRO D 244 -15.23 -17.04 47.38
CA PRO D 244 -14.27 -18.16 47.55
C PRO D 244 -12.82 -17.88 47.09
N ASN D 245 -12.61 -17.62 45.80
CA ASN D 245 -11.24 -17.52 45.28
C ASN D 245 -10.82 -16.09 44.92
N PRO D 246 -10.10 -15.45 45.83
CA PRO D 246 -9.72 -14.05 45.68
C PRO D 246 -8.63 -13.80 44.62
N ARG D 247 -7.73 -14.78 44.44
CA ARG D 247 -6.61 -14.66 43.50
C ARG D 247 -6.50 -15.87 42.57
N VAL D 248 -7.34 -15.93 41.55
CA VAL D 248 -7.30 -17.07 40.63
C VAL D 248 -6.19 -16.97 39.58
N PRO D 249 -5.31 -17.98 39.54
CA PRO D 249 -4.24 -17.97 38.53
C PRO D 249 -4.84 -17.80 37.14
N LEU D 250 -4.19 -17.00 36.30
CA LEU D 250 -4.80 -16.61 35.02
C LEU D 250 -5.12 -17.82 34.16
N SER D 251 -4.29 -18.86 34.25
CA SER D 251 -4.49 -20.07 33.45
C SER D 251 -5.72 -20.86 33.88
N ARG D 252 -6.49 -20.32 34.81
CA ARG D 252 -7.77 -20.92 35.15
C ARG D 252 -8.96 -19.97 35.01
N VAL D 253 -8.73 -18.83 34.36
CA VAL D 253 -9.83 -17.91 34.05
C VAL D 253 -10.10 -17.78 32.55
N PHE D 254 -9.15 -18.22 31.73
CA PHE D 254 -9.34 -18.14 30.28
C PHE D 254 -10.58 -18.89 29.84
N PHE D 255 -11.51 -18.18 29.20
CA PHE D 255 -12.74 -18.78 28.69
C PHE D 255 -13.64 -19.26 29.83
N ALA D 256 -13.38 -18.78 31.05
CA ALA D 256 -14.08 -19.23 32.24
C ALA D 256 -15.35 -18.41 32.47
N SER D 257 -16.29 -18.50 31.54
CA SER D 257 -17.52 -17.73 31.64
C SER D 257 -18.33 -18.20 32.84
N TRP D 258 -18.02 -19.41 33.32
CA TRP D 258 -18.73 -19.94 34.47
C TRP D 258 -18.43 -19.11 35.72
N ARG D 259 -17.26 -18.51 35.77
CA ARG D 259 -16.89 -17.73 36.93
C ARG D 259 -17.76 -16.49 37.06
N VAL D 260 -18.09 -15.88 35.93
CA VAL D 260 -18.94 -14.68 35.92
C VAL D 260 -20.38 -15.02 36.32
N VAL D 261 -20.89 -16.08 35.74
CA VAL D 261 -22.26 -16.47 36.01
C VAL D 261 -22.42 -17.07 37.40
N LEU D 262 -21.47 -17.90 37.81
CA LEU D 262 -21.65 -18.67 39.05
C LEU D 262 -20.81 -18.23 40.24
N GLU D 263 -19.87 -17.31 40.03
CA GLU D 263 -18.98 -16.89 41.12
C GLU D 263 -19.06 -15.40 41.44
N GLY D 264 -20.22 -14.80 41.25
CA GLY D 264 -20.46 -13.45 41.79
C GLY D 264 -20.70 -12.33 40.80
N GLY D 265 -20.74 -12.65 39.52
CA GLY D 265 -20.95 -11.62 38.51
C GLY D 265 -19.76 -10.71 38.32
N ILE D 266 -20.01 -9.51 37.83
CA ILE D 266 -18.95 -8.62 37.36
C ILE D 266 -18.40 -7.62 38.39
N ASP D 267 -19.19 -7.31 39.42
CA ASP D 267 -18.76 -6.35 40.45
C ASP D 267 -17.41 -6.72 41.09
N PRO D 268 -17.29 -7.93 41.65
CA PRO D 268 -16.04 -8.28 42.32
C PRO D 268 -14.86 -8.18 41.36
N ILE D 269 -15.09 -8.52 40.09
CA ILE D 269 -14.05 -8.45 39.05
C ILE D 269 -13.72 -7.01 38.68
N LEU D 270 -14.74 -6.15 38.59
CA LEU D 270 -14.52 -4.73 38.29
C LEU D 270 -13.80 -4.02 39.45
N ARG D 271 -14.10 -4.42 40.67
CA ARG D 271 -13.41 -3.82 41.82
C ARG D 271 -11.93 -4.24 41.85
N GLY D 272 -11.67 -5.50 41.51
CA GLY D 272 -10.31 -6.01 41.42
C GLY D 272 -9.47 -5.26 40.40
N LEU D 273 -10.10 -4.86 39.30
CA LEU D 273 -9.40 -4.11 38.26
C LEU D 273 -9.06 -2.70 38.71
N MET D 274 -9.97 -2.08 39.46
CA MET D 274 -9.77 -0.70 39.89
C MET D 274 -8.75 -0.56 41.03
N ALA D 275 -8.66 -1.57 41.89
CA ALA D 275 -7.84 -1.46 43.09
C ALA D 275 -6.62 -2.40 43.11
N THR D 276 -6.26 -2.96 41.96
CA THR D 276 -5.03 -3.74 41.83
C THR D 276 -4.14 -3.05 40.79
N PRO D 277 -2.84 -2.89 41.10
CA PRO D 277 -1.91 -2.28 40.14
C PRO D 277 -1.70 -3.16 38.92
N ALA D 278 -1.46 -2.56 37.75
CA ALA D 278 -1.04 -3.33 36.59
C ALA D 278 0.34 -3.89 36.89
N LYS D 279 0.79 -4.85 36.11
CA LYS D 279 2.20 -5.22 36.15
C LYS D 279 2.95 -4.10 35.43
N LEU D 280 4.14 -3.78 35.91
CA LEU D 280 4.98 -2.83 35.20
C LEU D 280 5.91 -3.58 34.25
N ASN D 281 6.07 -3.08 33.03
CA ASN D 281 7.02 -3.67 32.11
C ASN D 281 8.43 -3.23 32.45
N ARG D 282 9.31 -4.20 32.69
CA ARG D 282 10.70 -3.91 32.96
C ARG D 282 11.54 -4.82 32.09
N GLN D 283 12.72 -4.34 31.71
CA GLN D 283 13.53 -5.00 30.70
C GLN D 283 14.02 -6.39 31.09
N ASN D 284 13.93 -6.75 32.37
CA ASN D 284 14.16 -8.14 32.78
C ASN D 284 12.92 -8.79 33.40
N GLN D 285 11.75 -8.19 33.17
CA GLN D 285 10.48 -8.73 33.64
C GLN D 285 9.42 -8.36 32.64
N ILE D 286 9.45 -9.02 31.49
CA ILE D 286 8.67 -8.57 30.35
C ILE D 286 7.23 -9.08 30.36
N ALA D 287 7.05 -10.40 30.46
CA ALA D 287 5.72 -10.98 30.49
C ALA D 287 5.68 -12.22 31.37
N VAL D 288 4.55 -12.47 32.00
CA VAL D 288 4.46 -13.53 33.02
C VAL D 288 4.21 -14.93 32.44
N ASP D 289 4.60 -15.95 33.20
CA ASP D 289 4.47 -17.32 32.73
C ASP D 289 3.03 -17.83 32.60
N GLU D 290 2.08 -17.20 33.28
CA GLU D 290 0.68 -17.55 33.08
C GLU D 290 0.28 -17.41 31.61
N ILE D 291 0.89 -16.44 30.91
CA ILE D 291 0.60 -16.29 29.49
C ILE D 291 1.72 -16.87 28.62
N ARG D 292 2.90 -17.06 29.21
CA ARG D 292 4.07 -17.53 28.46
C ARG D 292 4.22 -19.05 28.47
N GLU D 293 3.71 -19.68 29.52
CA GLU D 293 3.84 -21.12 29.69
C GLU D 293 2.47 -21.79 29.65
N ARG D 294 1.45 -21.08 30.11
CA ARG D 294 0.17 -21.73 30.44
C ARG D 294 -1.05 -21.10 29.79
N LEU D 295 -0.85 -20.37 28.69
CA LEU D 295 -1.95 -19.73 28.00
C LEU D 295 -2.94 -20.78 27.45
N PHE D 296 -4.21 -20.64 27.82
CA PHE D 296 -5.29 -21.51 27.33
C PHE D 296 -5.09 -22.97 27.70
N GLU D 297 -4.31 -23.19 28.76
CA GLU D 297 -4.01 -24.50 29.27
C GLU D 297 -5.23 -25.42 29.42
N GLN D 298 -6.33 -24.89 29.92
CA GLN D 298 -7.49 -25.72 30.20
C GLN D 298 -8.26 -26.13 28.95
N VAL D 299 -8.01 -25.46 27.82
CA VAL D 299 -8.82 -25.72 26.63
C VAL D 299 -8.04 -26.19 25.40
N MET D 300 -6.83 -26.70 25.62
CA MET D 300 -6.00 -27.21 24.54
C MET D 300 -5.10 -28.32 25.04
N ARG D 301 -4.59 -29.11 24.11
CA ARG D 301 -3.73 -30.22 24.47
C ARG D 301 -2.48 -29.73 25.20
N ILE D 302 -2.04 -28.52 24.91
CA ILE D 302 -0.80 -27.99 25.48
C ILE D 302 -0.92 -26.50 25.74
N GLY D 303 -0.12 -25.99 26.69
CA GLY D 303 -0.16 -24.57 27.03
C GLY D 303 0.56 -23.74 25.98
N LEU D 304 -0.03 -22.62 25.60
CA LEU D 304 0.59 -21.75 24.61
C LEU D 304 1.58 -20.77 25.25
N ASP D 305 2.36 -20.10 24.40
CA ASP D 305 3.31 -19.09 24.84
C ASP D 305 2.96 -17.81 24.10
N LEU D 306 2.20 -16.94 24.72
CA LEU D 306 1.68 -15.77 24.01
C LEU D 306 2.80 -14.92 23.40
N PRO D 307 3.85 -14.63 24.18
CA PRO D 307 4.94 -13.84 23.60
C PRO D 307 5.57 -14.54 22.39
N ALA D 308 5.78 -15.85 22.45
CA ALA D 308 6.26 -16.57 21.27
C ALA D 308 5.26 -16.50 20.13
N LEU D 309 3.97 -16.63 20.43
CA LEU D 309 2.93 -16.46 19.42
C LEU D 309 3.05 -15.10 18.75
N ASN D 310 3.20 -14.05 19.55
CA ASN D 310 3.33 -12.70 19.01
C ASN D 310 4.42 -12.66 17.95
N MET D 311 5.55 -13.30 18.24
CA MET D 311 6.69 -13.26 17.34
C MET D 311 6.48 -14.15 16.09
N GLN D 312 5.91 -15.34 16.27
CA GLN D 312 5.59 -16.16 15.11
C GLN D 312 4.55 -15.46 14.22
N ARG D 313 3.66 -14.67 14.83
CA ARG D 313 2.60 -13.99 14.09
C ARG D 313 3.18 -12.86 13.24
N SER D 314 4.13 -12.12 13.79
CA SER D 314 4.76 -11.04 13.02
C SER D 314 5.50 -11.59 11.78
N ARG D 315 6.02 -12.80 11.86
CA ARG D 315 6.71 -13.42 10.72
C ARG D 315 5.69 -13.92 9.72
N ASP D 316 4.62 -14.50 10.25
CA ASP D 316 3.48 -14.94 9.45
C ASP D 316 2.97 -13.78 8.60
N HIS D 317 3.00 -12.58 9.18
CA HIS D 317 2.47 -11.37 8.56
C HIS D 317 3.50 -10.66 7.69
N GLY D 318 4.72 -11.19 7.65
CA GLY D 318 5.75 -10.64 6.79
C GLY D 318 6.25 -9.29 7.27
N LEU D 319 6.13 -9.06 8.57
CA LEU D 319 6.49 -7.76 9.14
C LEU D 319 8.00 -7.55 9.17
N PRO D 320 8.45 -6.40 8.64
CA PRO D 320 9.86 -6.03 8.69
C PRO D 320 10.33 -5.99 10.15
N GLY D 321 11.66 -6.06 10.33
CA GLY D 321 12.24 -6.16 11.65
C GLY D 321 12.42 -4.83 12.34
N TYR D 322 12.94 -4.87 13.55
CA TYR D 322 13.10 -3.72 14.43
C TYR D 322 13.65 -2.47 13.74
N ASN D 323 14.80 -2.61 13.10
CA ASN D 323 15.46 -1.45 12.49
C ASN D 323 14.64 -0.78 11.38
N ALA D 324 14.03 -1.57 10.51
CA ALA D 324 13.17 -1.00 9.49
C ALA D 324 12.06 -0.16 10.13
N TRP D 325 11.48 -0.65 11.21
CA TRP D 325 10.45 0.13 11.92
C TRP D 325 11.00 1.40 12.59
N ARG D 326 12.16 1.30 13.24
CA ARG D 326 12.84 2.48 13.75
C ARG D 326 12.96 3.52 12.64
N ARG D 327 13.46 3.09 11.48
CA ARG D 327 13.71 3.99 10.36
C ARG D 327 12.38 4.61 9.90
N PHE D 328 11.34 3.79 9.86
CA PHE D 328 10.04 4.24 9.43
C PHE D 328 9.60 5.40 10.30
N CYS D 329 9.97 5.33 11.58
CA CYS D 329 9.54 6.29 12.59
C CYS D 329 10.50 7.45 12.74
N GLY D 330 11.60 7.44 11.98
CA GLY D 330 12.58 8.53 12.01
C GLY D 330 13.48 8.44 13.22
N LEU D 331 13.66 7.23 13.72
CA LEU D 331 14.48 6.98 14.90
C LEU D 331 15.78 6.31 14.47
N PRO D 332 16.88 6.58 15.19
CA PRO D 332 18.16 6.01 14.78
C PRO D 332 18.10 4.49 14.80
N GLN D 333 18.86 3.86 13.91
CA GLN D 333 18.86 2.40 13.79
C GLN D 333 20.19 1.84 14.25
N PRO D 334 20.22 1.24 15.46
CA PRO D 334 21.46 0.68 15.97
C PRO D 334 21.93 -0.49 15.13
N GLU D 335 23.18 -0.48 14.70
CA GLU D 335 23.73 -1.58 13.90
C GLU D 335 24.49 -2.60 14.75
N THR D 336 25.15 -2.14 15.80
CA THR D 336 25.97 -3.03 16.61
C THR D 336 25.40 -3.25 18.01
N VAL D 337 25.96 -4.24 18.70
CA VAL D 337 25.58 -4.54 20.06
C VAL D 337 25.66 -3.31 20.97
N GLY D 338 26.75 -2.56 20.88
CA GLY D 338 26.96 -1.41 21.73
C GLY D 338 25.96 -0.31 21.41
N GLN D 339 25.68 -0.12 20.13
CA GLN D 339 24.67 0.84 19.72
C GLN D 339 23.32 0.40 20.23
N LEU D 340 23.01 -0.89 20.11
CA LEU D 340 21.73 -1.38 20.61
C LEU D 340 21.66 -1.15 22.12
N GLY D 341 22.82 -1.24 22.78
CA GLY D 341 22.91 -1.05 24.22
C GLY D 341 22.59 0.39 24.62
N THR D 342 23.07 1.32 23.81
CA THR D 342 22.77 2.73 24.00
C THR D 342 21.27 3.02 23.82
N VAL D 343 20.68 2.50 22.75
CA VAL D 343 19.26 2.74 22.46
C VAL D 343 18.37 2.22 23.60
N LEU D 344 18.73 1.07 24.15
CA LEU D 344 17.95 0.45 25.22
C LEU D 344 18.42 0.90 26.60
N ARG D 345 19.56 1.58 26.65
CA ARG D 345 20.14 1.94 27.93
C ARG D 345 20.19 0.69 28.81
N ASN D 346 20.50 -0.43 28.18
CA ASN D 346 20.61 -1.71 28.87
C ASN D 346 21.48 -2.67 28.07
N LEU D 347 22.78 -2.68 28.37
CA LEU D 347 23.79 -3.47 27.65
C LEU D 347 23.51 -4.97 27.68
N LYS D 348 23.17 -5.47 28.86
CA LYS D 348 22.85 -6.87 29.04
C LYS D 348 21.70 -7.32 28.13
N LEU D 349 20.60 -6.57 28.14
CA LEU D 349 19.46 -6.89 27.29
C LEU D 349 19.89 -6.89 25.82
N ALA D 350 20.71 -5.90 25.46
CA ALA D 350 21.20 -5.77 24.09
C ALA D 350 22.00 -6.99 23.67
N ARG D 351 22.78 -7.55 24.60
CA ARG D 351 23.61 -8.70 24.27
C ARG D 351 22.77 -9.96 24.14
N LYS D 352 21.78 -10.09 25.00
CA LYS D 352 20.82 -11.17 24.88
C LYS D 352 20.13 -11.12 23.52
N LEU D 353 19.58 -9.96 23.17
CA LEU D 353 18.91 -9.78 21.88
C LEU D 353 19.82 -10.15 20.71
N MET D 354 21.08 -9.76 20.77
CA MET D 354 22.03 -9.99 19.69
C MET D 354 22.42 -11.45 19.58
N GLU D 355 22.67 -12.06 20.73
CA GLU D 355 22.83 -13.49 20.83
C GLU D 355 21.69 -14.22 20.10
N GLN D 356 20.47 -13.77 20.31
CA GLN D 356 19.31 -14.41 19.68
C GLN D 356 19.19 -14.12 18.18
N TYR D 357 19.40 -12.87 17.79
CA TYR D 357 19.05 -12.41 16.44
C TYR D 357 20.22 -12.12 15.53
N GLY D 358 21.43 -11.97 16.09
CA GLY D 358 22.60 -11.65 15.31
C GLY D 358 22.64 -10.21 14.81
N THR D 359 21.50 -9.65 14.47
CA THR D 359 21.45 -8.27 14.01
C THR D 359 20.21 -7.56 14.51
N PRO D 360 20.34 -6.28 14.89
CA PRO D 360 19.14 -5.56 15.30
C PRO D 360 18.15 -5.40 14.15
N ASN D 361 18.55 -5.70 12.91
CA ASN D 361 17.59 -5.62 11.80
C ASN D 361 16.55 -6.73 11.89
N ASN D 362 16.88 -7.81 12.60
CA ASN D 362 16.06 -9.02 12.63
C ASN D 362 15.18 -9.19 13.86
N ILE D 363 15.37 -8.32 14.85
CA ILE D 363 14.57 -8.37 16.06
C ILE D 363 13.12 -8.18 15.69
N ASP D 364 12.25 -9.13 16.08
CA ASP D 364 10.81 -9.02 15.81
C ASP D 364 10.24 -7.76 16.47
N ILE D 365 9.33 -7.11 15.75
CA ILE D 365 8.76 -5.83 16.17
C ILE D 365 8.22 -5.83 17.61
N TRP D 366 7.47 -6.85 17.99
CA TRP D 366 6.97 -6.91 19.36
C TRP D 366 8.11 -6.96 20.36
N MET D 367 9.01 -7.92 20.17
CA MET D 367 10.16 -8.08 21.05
C MET D 367 10.93 -6.78 21.20
N GLY D 368 11.31 -6.18 20.07
CA GLY D 368 12.14 -4.97 20.08
C GLY D 368 11.37 -3.82 20.69
N GLY D 369 10.08 -3.74 20.36
CA GLY D 369 9.22 -2.68 20.87
C GLY D 369 9.09 -2.67 22.39
N VAL D 370 8.77 -3.82 22.97
CA VAL D 370 8.60 -3.87 24.42
C VAL D 370 9.94 -3.91 25.14
N SER D 371 11.03 -4.00 24.40
CA SER D 371 12.37 -3.98 24.99
C SER D 371 12.86 -2.57 25.33
N GLU D 372 12.32 -1.57 24.65
CA GLU D 372 12.79 -0.19 24.84
C GLU D 372 12.41 0.38 26.20
N PRO D 373 13.31 1.16 26.80
CA PRO D 373 13.01 1.81 28.08
C PRO D 373 11.79 2.71 27.88
N LEU D 374 10.97 2.83 28.92
CA LEU D 374 9.68 3.50 28.78
C LEU D 374 9.84 5.01 28.71
N LYS D 375 9.03 5.66 27.89
CA LYS D 375 8.97 7.11 27.86
C LYS D 375 8.42 7.68 29.18
N ARG D 376 8.95 8.83 29.58
CA ARG D 376 8.51 9.47 30.81
C ARG D 376 6.99 9.54 30.85
N LYS D 377 6.41 8.97 31.91
CA LYS D 377 4.96 8.97 32.13
C LYS D 377 4.16 8.31 31.01
N GLY D 378 4.85 7.47 30.25
CA GLY D 378 4.21 6.61 29.28
C GLY D 378 4.56 5.18 29.68
N ARG D 379 4.07 4.22 28.91
CA ARG D 379 4.36 2.82 29.20
C ARG D 379 4.84 2.07 27.96
N VAL D 380 5.26 2.81 26.95
CA VAL D 380 5.95 2.24 25.80
C VAL D 380 7.16 3.10 25.52
N GLY D 381 8.10 2.56 24.74
CA GLY D 381 9.26 3.32 24.27
C GLY D 381 8.93 4.11 23.01
N PRO D 382 9.90 4.85 22.48
CA PRO D 382 9.78 5.68 21.28
C PRO D 382 9.23 4.93 20.06
N LEU D 383 9.70 3.72 19.80
CA LEU D 383 9.25 3.00 18.61
C LEU D 383 7.74 2.69 18.67
N LEU D 384 7.30 2.09 19.78
CA LEU D 384 5.89 1.73 19.93
C LEU D 384 4.98 2.94 20.03
N ALA D 385 5.47 4.01 20.64
CA ALA D 385 4.69 5.23 20.74
C ALA D 385 4.41 5.77 19.34
N CYS D 386 5.44 5.74 18.50
CA CYS D 386 5.32 6.20 17.12
C CYS D 386 4.27 5.39 16.35
N ILE D 387 4.39 4.08 16.41
CA ILE D 387 3.48 3.23 15.69
C ILE D 387 2.07 3.37 16.24
N ILE D 388 1.98 3.33 17.56
CA ILE D 388 0.69 3.42 18.24
C ILE D 388 0.10 4.81 18.05
N GLY D 389 0.90 5.83 18.30
CA GLY D 389 0.47 7.23 18.12
C GLY D 389 -0.04 7.50 16.72
N THR D 390 0.72 7.05 15.73
CA THR D 390 0.36 7.21 14.32
C THR D 390 -0.98 6.56 13.99
N GLN D 391 -1.19 5.36 14.50
CA GLN D 391 -2.42 4.62 14.22
C GLN D 391 -3.66 5.37 14.75
N PHE D 392 -3.58 5.83 15.99
CA PHE D 392 -4.70 6.52 16.60
C PHE D 392 -4.97 7.91 16.01
N ARG D 393 -3.94 8.60 15.52
CA ARG D 393 -4.23 9.85 14.83
C ARG D 393 -5.05 9.63 13.56
N LYS D 394 -4.76 8.55 12.85
CA LYS D 394 -5.53 8.22 11.64
C LYS D 394 -6.96 7.83 11.96
N LEU D 395 -7.13 7.03 13.01
CA LEU D 395 -8.47 6.63 13.42
C LEU D 395 -9.30 7.84 13.84
N ARG D 396 -8.64 8.90 14.32
CA ARG D 396 -9.34 10.09 14.77
C ARG D 396 -9.64 11.03 13.60
N ASP D 397 -8.58 11.46 12.92
CA ASP D 397 -8.70 12.46 11.86
C ASP D 397 -9.41 11.91 10.64
N GLY D 398 -9.37 10.59 10.48
CA GLY D 398 -9.98 9.94 9.33
C GLY D 398 -11.35 9.33 9.60
N ASP D 399 -11.97 9.74 10.71
CA ASP D 399 -13.27 9.20 11.10
C ASP D 399 -14.35 10.24 10.93
N ARG D 400 -15.17 10.10 9.90
CA ARG D 400 -16.17 11.11 9.60
C ARG D 400 -17.13 11.29 10.75
N PHE D 401 -17.25 10.23 11.56
CA PHE D 401 -18.18 10.23 12.67
C PHE D 401 -17.47 10.46 14.00
N TRP D 402 -16.27 11.01 13.96
CA TRP D 402 -15.57 11.37 15.18
C TRP D 402 -16.47 12.30 16.00
N TRP D 403 -16.49 12.11 17.31
CA TRP D 403 -17.46 12.78 18.18
C TRP D 403 -17.37 14.31 18.15
N GLU D 404 -16.18 14.85 17.89
CA GLU D 404 -15.97 16.31 17.86
C GLU D 404 -16.21 16.91 16.48
N ASN D 405 -16.38 16.07 15.47
CA ASN D 405 -16.56 16.54 14.11
C ASN D 405 -17.87 17.29 13.93
N GLU D 406 -17.79 18.50 13.39
CA GLU D 406 -18.97 19.29 13.09
C GLU D 406 -20.08 18.45 12.45
N GLY D 407 -21.30 18.65 12.95
CA GLY D 407 -22.49 17.98 12.43
C GLY D 407 -22.78 16.65 13.08
N VAL D 408 -21.79 16.12 13.80
CA VAL D 408 -21.95 14.81 14.45
C VAL D 408 -22.85 14.91 15.67
N PHE D 409 -22.42 15.68 16.66
CA PHE D 409 -23.26 16.04 17.79
C PHE D 409 -23.47 17.55 17.76
N SER D 410 -24.46 18.04 18.50
CA SER D 410 -24.64 19.48 18.63
C SER D 410 -23.62 20.01 19.63
N MET D 411 -23.47 21.33 19.68
CA MET D 411 -22.53 21.96 20.60
C MET D 411 -22.83 21.57 22.06
N GLN D 412 -24.10 21.65 22.45
CA GLN D 412 -24.48 21.31 23.82
C GLN D 412 -24.34 19.81 24.12
N GLN D 413 -24.58 18.96 23.13
CA GLN D 413 -24.32 17.54 23.30
C GLN D 413 -22.83 17.29 23.56
N ARG D 414 -21.98 17.93 22.77
CA ARG D 414 -20.53 17.80 22.97
C ARG D 414 -20.16 18.24 24.38
N GLN D 415 -20.70 19.37 24.82
CA GLN D 415 -20.48 19.87 26.16
C GLN D 415 -20.84 18.80 27.21
N ALA D 416 -21.99 18.17 27.03
CA ALA D 416 -22.46 17.16 27.98
C ALA D 416 -21.62 15.89 27.98
N LEU D 417 -21.17 15.46 26.80
CA LEU D 417 -20.37 14.24 26.68
C LEU D 417 -19.02 14.36 27.40
N ALA D 418 -18.48 15.57 27.42
CA ALA D 418 -17.20 15.82 28.10
C ALA D 418 -17.29 15.52 29.58
N GLN D 419 -18.49 15.22 30.07
CA GLN D 419 -18.69 14.93 31.48
C GLN D 419 -18.57 13.44 31.80
N ILE D 420 -18.62 12.60 30.76
CA ILE D 420 -18.59 11.16 30.98
C ILE D 420 -17.24 10.68 31.51
N SER D 421 -17.28 9.57 32.24
CA SER D 421 -16.08 8.91 32.74
C SER D 421 -16.35 7.43 33.00
N LEU D 422 -15.32 6.61 32.90
CA LEU D 422 -15.50 5.18 33.10
C LEU D 422 -16.03 4.89 34.51
N PRO D 423 -15.47 5.55 35.52
CA PRO D 423 -15.96 5.41 36.89
C PRO D 423 -17.47 5.65 36.97
N ARG D 424 -17.93 6.77 36.40
CA ARG D 424 -19.37 7.05 36.36
C ARG D 424 -20.15 5.92 35.70
N ILE D 425 -19.60 5.34 34.63
CA ILE D 425 -20.31 4.28 33.92
C ILE D 425 -20.44 3.05 34.79
N ILE D 426 -19.41 2.77 35.57
CA ILE D 426 -19.46 1.69 36.54
C ILE D 426 -20.48 1.96 37.66
N CYS D 427 -20.55 3.22 38.12
CA CYS D 427 -21.54 3.63 39.13
C CYS D 427 -22.95 3.45 38.61
N ASP D 428 -23.15 3.70 37.32
CA ASP D 428 -24.48 3.69 36.73
C ASP D 428 -24.99 2.29 36.40
N ASN D 429 -24.10 1.31 36.30
CA ASN D 429 -24.51 0.00 35.80
C ASN D 429 -24.13 -1.19 36.69
N THR D 430 -23.69 -0.92 37.90
CA THR D 430 -23.28 -1.97 38.82
C THR D 430 -23.75 -1.63 40.22
N GLY D 431 -23.43 -2.49 41.18
CA GLY D 431 -23.78 -2.27 42.56
C GLY D 431 -22.64 -1.60 43.30
N ILE D 432 -21.57 -1.27 42.57
CA ILE D 432 -20.43 -0.60 43.18
C ILE D 432 -20.80 0.85 43.44
N THR D 433 -20.64 1.30 44.68
CA THR D 433 -20.97 2.68 45.03
C THR D 433 -19.74 3.53 45.33
N THR D 434 -18.59 2.88 45.46
CA THR D 434 -17.30 3.56 45.59
C THR D 434 -16.38 3.16 44.45
N VAL D 435 -15.84 4.15 43.74
CA VAL D 435 -14.99 3.88 42.58
C VAL D 435 -13.72 4.72 42.54
N SER D 436 -12.90 4.48 41.52
CA SER D 436 -11.62 5.17 41.33
C SER D 436 -11.75 6.67 41.04
N LYS D 437 -10.87 7.47 41.63
CA LYS D 437 -10.70 8.87 41.21
C LYS D 437 -10.31 8.91 39.74
N ASN D 438 -10.73 9.94 39.04
CA ASN D 438 -10.13 10.24 37.75
C ASN D 438 -8.68 10.56 38.08
N ASN D 439 -7.72 10.01 37.34
CA ASN D 439 -7.91 9.20 36.15
C ASN D 439 -7.96 7.71 36.51
N ILE D 440 -9.06 7.05 36.15
CA ILE D 440 -9.25 5.64 36.52
C ILE D 440 -8.06 4.73 36.18
N PHE D 441 -7.31 5.08 35.13
CA PHE D 441 -6.20 4.23 34.70
C PHE D 441 -4.96 4.46 35.55
N MET D 442 -4.96 5.54 36.31
CA MET D 442 -3.83 5.80 37.19
C MET D 442 -4.12 5.35 38.63
N SER D 443 -5.30 5.69 39.13
CA SER D 443 -5.73 5.28 40.48
C SER D 443 -5.71 3.77 40.60
N ASN D 444 -5.15 3.27 41.71
CA ASN D 444 -5.04 1.83 41.87
C ASN D 444 -4.94 1.38 43.32
N SER D 445 -5.15 2.30 44.25
CA SER D 445 -5.01 1.96 45.66
C SER D 445 -6.21 2.40 46.49
N TYR D 446 -6.95 1.42 46.99
CA TYR D 446 -8.07 1.70 47.89
C TYR D 446 -7.57 1.84 49.32
N PRO D 447 -8.01 2.89 50.03
CA PRO D 447 -9.00 3.86 49.55
C PRO D 447 -8.39 5.19 49.11
N ARG D 448 -7.06 5.28 49.10
CA ARG D 448 -6.39 6.53 48.77
C ARG D 448 -6.92 7.13 47.46
N ASP D 449 -7.11 6.29 46.46
CA ASP D 449 -7.43 6.77 45.10
C ASP D 449 -8.89 6.57 44.72
N PHE D 450 -9.76 6.48 45.72
CA PHE D 450 -11.17 6.25 45.42
C PHE D 450 -12.08 7.37 45.93
N VAL D 451 -13.23 7.53 45.29
CA VAL D 451 -14.25 8.49 45.70
C VAL D 451 -15.61 7.81 45.76
N ASN D 452 -16.56 8.47 46.41
CA ASN D 452 -17.96 8.04 46.42
C ASN D 452 -18.61 8.36 45.08
N CYS D 453 -19.41 7.41 44.57
CA CYS D 453 -20.08 7.60 43.29
C CYS D 453 -20.91 8.88 43.21
N SER D 454 -21.44 9.33 44.35
CA SER D 454 -22.32 10.48 44.38
C SER D 454 -21.61 11.79 44.02
N THR D 455 -20.29 11.77 44.02
CA THR D 455 -19.49 12.95 43.73
C THR D 455 -19.27 13.13 42.23
N LEU D 456 -19.39 12.03 41.48
CA LEU D 456 -19.27 12.06 40.02
C LEU D 456 -20.60 12.43 39.37
N PRO D 457 -20.59 13.42 38.46
CA PRO D 457 -21.84 13.87 37.87
C PRO D 457 -22.25 12.88 36.79
N ALA D 458 -23.56 12.65 36.66
CA ALA D 458 -24.06 11.73 35.64
C ALA D 458 -24.03 12.44 34.31
N LEU D 459 -24.06 11.68 33.23
CA LEU D 459 -24.21 12.26 31.89
C LEU D 459 -25.61 12.86 31.74
N ASN D 460 -25.67 14.14 31.36
CA ASN D 460 -26.95 14.85 31.19
C ASN D 460 -27.47 14.73 29.76
N LEU D 461 -28.61 14.07 29.60
CA LEU D 461 -29.14 13.78 28.26
C LEU D 461 -30.16 14.78 27.75
N ALA D 462 -30.34 15.87 28.47
CA ALA D 462 -31.37 16.86 28.12
C ALA D 462 -31.29 17.38 26.69
N SER D 463 -30.08 17.57 26.16
CA SER D 463 -29.95 18.13 24.82
C SER D 463 -30.23 17.11 23.72
N TRP D 464 -30.58 15.88 24.10
CA TRP D 464 -30.99 14.87 23.12
C TRP D 464 -32.49 14.89 22.94
N ARG D 465 -33.13 15.90 23.50
CA ARG D 465 -34.58 15.95 23.48
C ARG D 465 -35.05 16.74 22.26
N GLU D 466 -35.90 16.10 21.46
CA GLU D 466 -36.43 16.72 20.25
C GLU D 466 -37.57 17.67 20.58
C1 NAG E . 12.04 7.70 5.78
C2 NAG E . 10.80 6.94 6.26
C3 NAG E . 9.68 7.91 6.64
C4 NAG E . 10.23 8.92 7.65
C5 NAG E . 11.46 9.61 7.05
C6 NAG E . 12.03 10.68 7.97
C7 NAG E . 10.71 4.69 5.35
C8 NAG E . 10.26 3.79 4.23
N2 NAG E . 10.40 5.99 5.25
O3 NAG E . 8.57 7.21 7.16
O4 NAG E . 9.24 9.88 7.94
O5 NAG E . 12.44 8.64 6.76
O6 NAG E . 12.72 10.10 9.07
O7 NAG E . 11.33 4.20 6.29
C1 BMA E . 8.66 9.76 9.26
C2 BMA E . 8.47 11.12 9.95
C3 BMA E . 7.64 11.19 11.25
C4 BMA E . 6.50 10.16 11.24
C5 BMA E . 6.64 8.88 10.38
C6 BMA E . 5.25 8.27 10.02
O2 BMA E . 7.86 11.94 9.01
O3 BMA E . 7.18 12.56 11.52
O4 BMA E . 6.35 9.71 12.56
O5 BMA E . 7.44 9.04 9.21
O6 BMA E . 4.81 8.04 8.66
C1 MAN E . 7.08 13.26 12.82
C2 MAN E . 6.01 14.37 12.76
C3 MAN E . 6.55 15.67 12.02
C4 MAN E . 7.85 15.93 12.29
C5 MAN E . 8.86 14.67 11.86
C6 MAN E . 10.29 15.02 12.30
O2 MAN E . 5.72 14.70 14.11
O3 MAN E . 5.70 16.74 12.34
O4 MAN E . 8.18 17.01 11.36
O5 MAN E . 8.45 13.74 12.84
O6 MAN E . 10.69 14.04 12.17
C1 NAG F . -5.17 15.73 5.38
C2 NAG F . -4.37 16.98 5.15
C3 NAG F . -3.39 16.79 4.02
C4 NAG F . -2.52 15.57 4.22
C5 NAG F . -3.27 14.38 4.82
C6 NAG F . -2.34 13.29 5.39
C7 NAG F . -5.23 19.15 5.75
C8 NAG F . -6.07 20.30 5.43
N2 NAG F . -5.24 18.11 4.96
O3 NAG F . -2.58 17.94 3.92
O4 NAG F . -1.99 15.23 2.97
O5 NAG F . -4.20 14.80 5.78
O6 NAG F . -1.76 13.35 6.70
O7 NAG F . -4.55 19.20 6.71
C1 NAG F . -0.77 15.13 3.02
C2 NAG F . -0.36 14.25 1.84
C3 NAG F . 1.15 14.06 1.77
C4 NAG F . 1.82 15.43 1.84
C5 NAG F . 1.35 16.17 3.08
C6 NAG F . 2.03 17.53 3.16
C7 NAG F . -2.12 12.64 1.31
C8 NAG F . -2.68 11.27 1.61
N2 NAG F . -1.02 12.97 1.99
O3 NAG F . 1.50 13.39 0.58
O4 NAG F . 3.21 15.31 1.93
O5 NAG F . -0.05 16.33 3.05
O6 NAG F . 1.62 18.32 2.08
O7 NAG F . -2.64 13.37 0.47
C1 BMA F . 3.80 15.54 0.66
C2 BMA F . 5.13 16.23 0.95
C3 BMA F . 5.98 16.37 -0.30
C4 BMA F . 5.96 15.14 -1.19
C5 BMA F . 4.56 14.57 -1.36
C6 BMA F . 4.61 13.28 -2.16
O2 BMA F . 5.79 15.43 1.95
O3 BMA F . 7.34 16.65 0.06
O4 BMA F . 6.48 15.50 -2.47
O5 BMA F . 4.01 14.32 -0.06
O6 BMA F . 5.49 12.35 -1.50
C05 AEY G . 0.87 -2.82 -28.73
C06 AEY G . 0.08 -2.67 -27.59
C01 AEY G . 1.79 -4.86 -27.81
N14 AEY G . -0.02 -0.34 -25.09
C11 AEY G . -0.85 -1.48 -27.47
C02 AEY G . 1.00 -4.71 -26.66
C03 AEY G . 1.73 -3.92 -28.84
C04 AEY G . 0.14 -3.62 -26.56
N17 AEY G . -0.02 -0.47 -22.75
C10 AEY G . 0.46 0.09 -23.89
C09 AEY G . 0.41 0.19 -26.25
C07 AEY G . 1.43 1.27 -26.19
N12 AEY G . 2.09 2.03 -27.10
N15 AEY G . 2.94 2.89 -26.39
N16 AEY G . 2.79 2.64 -25.02
C08 AEY G . 1.86 1.66 -24.93
N13 AEY G . 1.40 1.08 -23.80
O18 AEY G . -0.09 -0.27 -27.44
CL CL H . -1.15 5.18 -7.30
CHA HEM I . -0.12 3.92 -22.70
CHB HEM I . 0.13 4.49 -27.51
CHC HEM I . 3.73 7.72 -26.97
CHD HEM I . 3.84 6.74 -22.23
C1A HEM I . -0.40 3.84 -24.05
C2A HEM I . -1.49 3.09 -24.64
C3A HEM I . -1.42 3.25 -25.97
C4A HEM I . -0.29 4.10 -26.25
CMA HEM I . -2.39 2.64 -27.01
CAA HEM I . -2.55 2.26 -23.88
CBA HEM I . -3.85 3.05 -23.81
CGA HEM I . -4.84 2.35 -22.89
O1A HEM I . -5.65 1.54 -23.39
O2A HEM I . -4.84 2.60 -21.66
C1B HEM I . 1.18 5.34 -27.77
C2B HEM I . 1.74 5.59 -29.07
C3B HEM I . 2.73 6.48 -28.94
C4B HEM I . 2.84 6.83 -27.53
CMB HEM I . 1.24 4.92 -30.38
CAB HEM I . 3.61 7.04 -30.07
CBB HEM I . 3.58 6.46 -31.27
C1C HEM I . 4.04 7.78 -25.62
C2C HEM I . 4.97 8.70 -25.00
C3C HEM I . 5.01 8.41 -23.68
C4C HEM I . 4.08 7.32 -23.45
CMC HEM I . 5.79 9.78 -25.74
CAC HEM I . 5.85 9.11 -22.58
CBC HEM I . 6.55 10.23 -22.80
C1D HEM I . 2.90 5.78 -21.95
C2D HEM I . 2.86 4.96 -20.75
C3D HEM I . 1.63 4.07 -20.90
C4D HEM I . 1.03 4.45 -22.17
CMD HEM I . 3.84 4.97 -19.57
CAD HEM I . 1.13 3.01 -19.88
CBD HEM I . 2.07 1.82 -19.88
CGD HEM I . 1.37 0.66 -19.23
O1D HEM I . 1.56 0.45 -18.02
O2D HEM I . 0.62 -0.07 -19.92
NA HEM I . 0.32 4.45 -25.06
NB HEM I . 1.87 6.11 -26.84
NC HEM I . 3.51 6.96 -24.65
ND HEM I . 1.81 5.44 -22.76
FE HEM I . 1.64 6.07 -24.79
CA CA J . 12.89 -2.02 -16.46
C1 NAG K . 16.28 5.74 3.21
C2 NAG K . 16.61 6.79 4.21
C3 NAG K . 15.62 6.80 5.33
C4 NAG K . 14.18 6.96 4.83
C5 NAG K . 13.92 6.15 3.57
C6 NAG K . 12.66 6.52 2.73
C7 NAG K . 18.89 7.42 4.42
C8 NAG K . 20.20 7.15 5.04
N2 NAG K . 17.92 6.59 4.72
O3 NAG K . 15.96 7.85 6.20
O4 NAG K . 13.38 6.53 5.92
O5 NAG K . 15.05 6.16 2.71
O6 NAG K . 12.55 7.91 2.33
O7 NAG K . 18.76 8.33 3.69
C1 FUC L . 11.45 8.80 1.40
C2 FUC L . 11.42 10.21 1.60
C3 FUC L . 12.74 10.85 1.33
C4 FUC L . 13.11 10.51 -0.14
C5 FUC L . 13.08 9.08 -0.36
C6 FUC L . 13.11 8.60 -1.90
O2 FUC L . 11.17 10.44 2.96
O3 FUC L . 12.62 12.23 1.55
O4 FUC L . 12.16 11.21 -0.80
O5 FUC L . 12.04 8.46 0.07
C1 NAG M . 24.83 -15.39 -33.99
C2 NAG M . 23.89 -14.95 -35.11
C3 NAG M . 24.44 -15.41 -36.45
C4 NAG M . 25.86 -14.87 -36.63
C5 NAG M . 26.72 -15.19 -35.41
C6 NAG M . 28.04 -14.45 -35.49
C7 NAG M . 21.47 -14.71 -34.81
C8 NAG M . 20.16 -15.42 -34.63
N2 NAG M . 22.55 -15.49 -34.92
O3 NAG M . 23.61 -14.95 -37.49
O4 NAG M . 26.42 -15.39 -37.81
O5 NAG M . 26.10 -14.80 -34.20
O6 NAG M . 27.78 -13.08 -35.38
O7 NAG M . 21.51 -13.48 -34.87
C1 NAG N . 3.35 -2.47 -49.28
C2 NAG N . 3.09 -1.09 -49.79
C3 NAG N . 3.41 -0.95 -51.26
C4 NAG N . 4.84 -1.31 -51.52
C5 NAG N . 5.04 -2.71 -50.97
C6 NAG N . 6.47 -3.17 -51.05
C7 NAG N . 1.27 0.36 -49.39
C8 NAG N . -0.19 0.54 -49.21
N2 NAG N . 1.71 -0.84 -49.54
O3 NAG N . 3.25 0.39 -51.63
O4 NAG N . 5.20 -1.19 -52.90
O5 NAG N . 4.69 -2.75 -49.60
O6 NAG N . 7.32 -2.18 -50.48
O7 NAG N . 2.00 1.29 -49.43
C1 MAN O . 8.09 18.02 -1.03
C2 MAN O . 9.46 17.85 -0.52
C3 MAN O . 9.69 18.39 1.04
C4 MAN O . 9.15 19.74 1.12
C5 MAN O . 7.64 19.77 0.79
C6 MAN O . 7.07 21.17 0.94
O2 MAN O . 10.30 18.54 -1.33
O3 MAN O . 11.09 18.46 1.33
O4 MAN O . 9.29 20.03 2.58
O5 MAN O . 7.39 19.18 -0.59
O6 MAN O . 7.88 21.80 0.44
C1 MAN P . 5.25 11.79 -0.89
C2 MAN P . 6.16 11.71 0.30
C3 MAN P . 7.25 10.74 -0.05
C4 MAN P . 6.63 9.41 -0.29
C5 MAN P . 5.62 9.55 -1.39
C6 MAN P . 4.92 8.26 -1.79
O2 MAN P . 5.47 11.22 1.44
O3 MAN P . 8.19 10.63 0.97
O4 MAN P . 7.69 8.65 -0.73
O5 MAN P . 4.68 10.52 -0.99
O6 MAN P . 4.68 7.30 -0.76
CL CL Q . 14.04 -13.70 -38.25
CHA HEM R . -3.47 -10.82 20.04
CHB HEM R . -4.48 -13.10 24.18
CHC HEM R . -4.46 -8.84 26.52
CHD HEM R . -3.70 -6.53 22.33
C1A HEM R . -3.71 -11.81 20.96
C2A HEM R . -3.76 -13.23 20.69
C3A HEM R . -4.05 -13.87 21.83
C4A HEM R . -4.18 -12.86 22.86
CMA HEM R . -4.20 -15.39 22.03
CAA HEM R . -3.52 -13.90 19.32
CBA HEM R . -2.23 -14.70 19.42
CGA HEM R . -1.74 -15.08 18.05
O1A HEM R . -1.88 -16.27 17.66
O2A HEM R . -1.21 -14.17 17.35
C1B HEM R . -4.64 -12.13 25.14
C2B HEM R . -5.16 -12.35 26.46
C3B HEM R . -5.16 -11.18 27.11
C4B HEM R . -4.63 -10.17 26.22
CMB HEM R . -5.63 -13.72 26.99
CAB HEM R . -5.65 -10.92 28.56
CBB HEM R . -6.45 -11.82 29.13
C1C HEM R . -4.19 -7.85 25.61
C2C HEM R . -3.93 -6.45 25.90
C3C HEM R . -3.72 -5.82 24.75
C4C HEM R . -3.84 -6.80 23.68
CMC HEM R . -3.91 -5.82 27.30
CAC HEM R . -3.41 -4.32 24.54
CBC HEM R . -3.43 -3.44 25.56
C1D HEM R . -3.74 -7.45 21.33
C2D HEM R . -3.96 -7.15 19.94
C3D HEM R . -3.88 -8.49 19.21
C4D HEM R . -3.63 -9.47 20.24
CMD HEM R . -4.22 -5.75 19.34
CAD HEM R . -4.07 -8.75 17.70
CBD HEM R . -5.55 -9.01 17.51
CGD HEM R . -5.86 -9.38 16.09
O1D HEM R . -5.69 -8.52 15.18
O2D HEM R . -6.30 -10.56 15.89
NA HEM R . -3.96 -11.63 22.30
NB HEM R . -4.32 -10.80 25.02
NC HEM R . -4.12 -8.03 24.23
ND HEM R . -3.54 -8.82 21.48
FE HEM R . -3.61 -9.85 23.34
CL CL S . 2.33 -2.60 8.14
CA CA T . -14.39 -0.55 15.48
C1 MAN U . 4.87 8.52 8.00
C2 MAN U . 4.45 9.74 7.58
C3 MAN U . 2.97 9.96 7.84
C4 MAN U . 2.12 8.89 7.35
C5 MAN U . 2.51 7.50 8.04
C6 MAN U . 1.88 6.47 7.23
O2 MAN U . 4.67 9.75 6.20
O3 MAN U . 2.56 11.35 7.36
O4 MAN U . 0.72 8.95 7.58
O5 MAN U . 4.01 7.39 7.63
O6 MAN U . 2.16 6.25 5.87
C1 FUC V . -0.90 12.70 6.86
C2 FUC V . 0.26 13.60 7.45
C3 FUC V . -0.25 14.56 8.43
C4 FUC V . -0.94 13.79 9.51
C5 FUC V . -2.12 12.96 8.88
C6 FUC V . -2.87 12.22 9.99
O2 FUC V . 0.90 14.36 6.31
O3 FUC V . 0.82 15.26 9.00
O4 FUC V . -0.19 12.90 10.23
O5 FUC V . -1.71 12.18 7.86
C1 NAG W . -36.26 -7.49 25.30
C2 NAG W . -35.75 -8.66 26.14
C3 NAG W . -36.86 -9.15 27.07
C4 NAG W . -37.36 -7.98 27.89
C5 NAG W . -37.84 -6.87 26.95
C6 NAG W . -38.35 -5.68 27.76
C7 NAG W . -33.96 -10.06 25.24
C8 NAG W . -33.62 -11.22 24.36
N2 NAG W . -35.25 -9.75 25.33
O3 NAG W . -36.36 -10.14 27.93
O4 NAG W . -38.39 -8.38 28.78
O5 NAG W . -36.77 -6.46 26.12
O6 NAG W . -37.25 -5.07 28.40
O7 NAG W . -33.04 -9.46 25.82
C1 NAG X . -17.47 -25.64 38.64
C2 NAG X . -16.43 -25.79 39.75
C3 NAG X . -17.04 -26.15 41.10
C4 NAG X . -18.23 -25.25 41.41
C5 NAG X . -19.16 -25.25 40.22
C6 NAG X . -20.41 -24.42 40.49
C7 NAG X . -14.18 -26.48 39.19
C8 NAG X . -13.26 -27.62 38.85
N2 NAG X . -15.45 -26.80 39.40
O3 NAG X . -16.08 -26.02 42.12
O4 NAG X . -18.91 -25.74 42.56
O5 NAG X . -18.48 -24.76 39.08
O6 NAG X . -21.43 -24.88 39.64
O7 NAG X . -13.75 -25.34 39.29
C05 AEY Y . -10.44 -16.37 21.42
C06 AEY Y . -9.58 -16.31 20.32
C01 AEY Y . -12.36 -16.20 19.92
N14 AEY Y . -7.20 -13.84 19.65
C11 AEY Y . -8.07 -16.36 20.53
C02 AEY Y . -11.48 -16.13 18.84
C03 AEY Y . -11.82 -16.32 21.22
C04 AEY Y . -10.10 -16.18 19.02
N17 AEY Y . -6.79 -12.48 17.82
C10 AEY Y . -6.97 -12.60 19.16
C09 AEY Y . -7.40 -14.07 20.97
C07 AEY Y . -7.36 -12.89 21.88
N12 AEY Y . -7.51 -12.73 23.21
N15 AEY Y . -7.34 -11.35 23.46
N16 AEY Y . -7.10 -10.68 22.24
C08 AEY Y . -7.11 -11.67 21.30
N13 AEY Y . -6.93 -11.51 19.96
O18 AEY Y . -7.62 -15.34 21.42
CL CL Z . -29.53 -16.90 26.57
#